data_2E4Y
#
_entry.id   2E4Y
#
_cell.length_a   84.393
_cell.length_b   91.799
_cell.length_c   112.972
_cell.angle_alpha   90.00
_cell.angle_beta   92.28
_cell.angle_gamma   90.00
#
_symmetry.space_group_name_H-M   'P 1 21 1'
#
loop_
_entity.id
_entity.type
_entity.pdbx_description
1 polymer 'Metabotropic glutamate receptor 3'
2 non-polymer 2-acetamido-2-deoxy-beta-D-glucopyranose
3 non-polymer '(2R,4R)-4-aminopyrrolidine-2,4-dicarboxylic acid'
#
_entity_poly.entity_id   1
_entity_poly.type   'polypeptide(L)'
_entity_poly.pdbx_seq_one_letter_code
;DHNFMRREIKIEGDLVLGGLFPINEKGTGTEECGRINEDRGIQRLEAMLFAIDEINKDNYLLPGVKLGVHILDTCSRDTY
ALEQSLEFVRASLTKVDEAEYMCPDGSYAIQENIPLLIAGVIGGSYSSVSIQVANLLRLFQIPQISYASTSAKLSDKSRY
DYFARTVPPDFYQAKAMAEILRFFNWTYVSTVASEGDYGETGIEAFEQEARLRNICIATAEKVGRSNIRKSYDSVIRELL
QKPNARVVVLFMRSDDSRELIAAANRVNASFTWVASDGWGAQESIVKGSEHVAYGAITLELASHPVRQFDRYFQSLNPYN
NHRNPWFRDFWEQKFQCSLQNKRNHRQVCDKHLAIDSSNYEQESKIMFVVNAVYAMAHALHKMQRTLCPQTTKLCDAMKI
LDGKKLYKEYLLKIQFTAPFNPNKGADSIVKFDTFGDGMGRYNVFNLQQTGGKYSYLKVGHWAETLSLDVDSIHWSRNSV
PTSQCSDPCAPNEMKNMQPGDVCCWICIPCEPYEYLVDEFTCMDCGPGQWPTADLSGCYNLPEDYIKWEDALVPR
;
_entity_poly.pdbx_strand_id   A,B
#
# COMPACT_ATOMS: atom_id res chain seq x y z
N ARG A 6 -12.21 15.11 17.74
CA ARG A 6 -11.61 13.75 17.73
C ARG A 6 -12.30 12.79 18.71
N ARG A 7 -13.26 12.03 18.18
CA ARG A 7 -14.01 11.07 18.98
C ARG A 7 -13.73 9.61 18.62
N GLU A 8 -13.49 8.81 19.64
CA GLU A 8 -13.23 7.40 19.43
C GLU A 8 -14.10 6.62 20.42
N ILE A 9 -13.94 5.30 20.48
CA ILE A 9 -14.69 4.52 21.45
C ILE A 9 -13.70 3.57 22.04
N LYS A 10 -13.59 3.58 23.36
CA LYS A 10 -12.67 2.70 24.03
C LYS A 10 -13.35 1.91 25.13
N ILE A 11 -13.42 0.61 24.93
CA ILE A 11 -14.00 -0.30 25.91
C ILE A 11 -12.80 -1.21 26.23
N GLU A 12 -12.31 -1.22 27.46
CA GLU A 12 -11.17 -2.07 27.74
C GLU A 12 -11.59 -3.54 27.74
N GLY A 13 -10.64 -4.43 27.52
CA GLY A 13 -10.91 -5.86 27.50
C GLY A 13 -9.64 -6.71 27.51
N ASP A 14 -9.81 -8.02 27.69
CA ASP A 14 -8.70 -8.96 27.74
C ASP A 14 -8.06 -9.05 26.37
N LEU A 15 -8.84 -8.73 25.35
CA LEU A 15 -8.40 -8.77 23.96
C LEU A 15 -9.21 -7.69 23.26
N VAL A 16 -8.59 -6.90 22.39
CA VAL A 16 -9.34 -5.85 21.73
C VAL A 16 -9.39 -5.88 20.22
N LEU A 17 -10.52 -5.41 19.71
CA LEU A 17 -10.75 -5.36 18.28
C LEU A 17 -10.89 -3.93 17.82
N GLY A 18 -10.17 -3.59 16.75
CA GLY A 18 -10.28 -2.25 16.21
C GLY A 18 -11.60 -2.16 15.45
N GLY A 19 -12.03 -0.94 15.14
CA GLY A 19 -13.27 -0.77 14.41
C GLY A 19 -13.21 0.45 13.53
N LEU A 20 -13.60 0.29 12.26
CA LEU A 20 -13.61 1.41 11.33
C LEU A 20 -14.98 1.50 10.68
N PHE A 21 -15.63 2.65 10.82
CA PHE A 21 -16.94 2.84 10.22
C PHE A 21 -17.10 4.25 9.72
N PRO A 22 -17.70 4.41 8.54
CA PRO A 22 -17.94 5.71 7.91
C PRO A 22 -19.09 6.37 8.67
N ILE A 23 -18.85 6.65 9.95
CA ILE A 23 -19.88 7.25 10.76
C ILE A 23 -20.28 8.60 10.21
N ASN A 24 -19.32 9.38 9.73
CA ASN A 24 -19.64 10.69 9.15
C ASN A 24 -19.37 10.72 7.66
N GLU A 25 -20.21 11.42 6.92
CA GLU A 25 -20.04 11.51 5.48
C GLU A 25 -18.76 12.29 5.20
N LYS A 26 -18.23 12.18 3.99
CA LYS A 26 -17.03 12.91 3.62
C LYS A 26 -17.36 14.40 3.70
N GLY A 27 -16.65 15.15 4.53
CA GLY A 27 -16.95 16.58 4.65
C GLY A 27 -16.44 17.38 3.46
N THR A 28 -17.18 18.43 3.07
CA THR A 28 -16.79 19.26 1.93
C THR A 28 -15.98 20.48 2.38
N GLY A 29 -15.07 20.91 1.53
CA GLY A 29 -14.23 22.05 1.84
C GLY A 29 -13.03 21.61 2.65
N THR A 30 -12.48 22.55 3.42
CA THR A 30 -11.31 22.28 4.25
C THR A 30 -11.62 21.23 5.30
N GLU A 31 -12.85 21.23 5.81
CA GLU A 31 -13.26 20.25 6.82
C GLU A 31 -13.20 18.85 6.23
N GLU A 32 -13.24 17.84 7.10
CA GLU A 32 -13.16 16.45 6.67
C GLU A 32 -14.41 15.63 6.92
N CYS A 33 -15.07 15.87 8.05
CA CYS A 33 -16.28 15.11 8.37
C CYS A 33 -17.57 15.88 8.25
N GLY A 34 -18.41 15.47 7.30
CA GLY A 34 -19.70 16.10 7.09
C GLY A 34 -20.82 15.58 7.98
N ARG A 35 -22.02 15.41 7.39
CA ARG A 35 -23.17 14.92 8.13
C ARG A 35 -23.03 13.46 8.57
N ILE A 36 -23.78 13.07 9.58
CA ILE A 36 -23.73 11.71 10.10
C ILE A 36 -24.26 10.80 9.06
N ASN A 37 -23.60 9.66 8.87
CA ASN A 37 -24.09 8.66 7.92
C ASN A 37 -25.03 7.91 8.85
N GLU A 38 -26.33 8.00 8.61
CA GLU A 38 -27.27 7.34 9.51
C GLU A 38 -27.32 5.82 9.46
N ASP A 39 -27.73 5.26 8.33
CA ASP A 39 -27.87 3.83 8.20
C ASP A 39 -26.59 3.03 7.98
N ARG A 40 -25.65 3.49 7.16
CA ARG A 40 -24.44 2.71 6.97
C ARG A 40 -23.33 3.09 7.92
N GLY A 41 -23.54 4.16 8.68
CA GLY A 41 -22.54 4.59 9.64
C GLY A 41 -22.97 4.17 11.04
N ILE A 42 -23.90 4.93 11.62
CA ILE A 42 -24.40 4.65 12.97
C ILE A 42 -24.91 3.23 13.19
N GLN A 43 -25.71 2.71 12.27
CA GLN A 43 -26.20 1.37 12.46
C GLN A 43 -25.06 0.39 12.51
N ARG A 44 -24.35 0.26 11.39
CA ARG A 44 -23.24 -0.67 11.33
C ARG A 44 -22.32 -0.55 12.53
N LEU A 45 -22.11 0.67 13.02
CA LEU A 45 -21.25 0.82 14.18
C LEU A 45 -21.93 0.06 15.30
N GLU A 46 -23.14 0.47 15.67
CA GLU A 46 -23.85 -0.21 16.73
C GLU A 46 -23.83 -1.73 16.56
N ALA A 47 -24.09 -2.20 15.35
CA ALA A 47 -24.06 -3.64 15.14
C ALA A 47 -22.77 -4.23 15.66
N MET A 48 -21.65 -3.53 15.54
CA MET A 48 -20.42 -4.10 16.05
C MET A 48 -20.46 -4.17 17.56
N LEU A 49 -20.93 -3.10 18.18
CA LEU A 49 -21.03 -3.06 19.63
C LEU A 49 -21.92 -4.22 20.01
N PHE A 50 -23.11 -4.26 19.41
CA PHE A 50 -24.06 -5.34 19.67
C PHE A 50 -23.38 -6.70 19.62
N ALA A 51 -22.73 -6.99 18.51
CA ALA A 51 -22.04 -8.24 18.34
C ALA A 51 -21.08 -8.47 19.49
N ILE A 52 -20.31 -7.46 19.87
CA ILE A 52 -19.37 -7.60 20.99
C ILE A 52 -20.19 -7.91 22.23
N ASP A 53 -21.12 -7.03 22.55
CA ASP A 53 -22.01 -7.25 23.68
C ASP A 53 -22.43 -8.72 23.77
N GLU A 54 -22.87 -9.27 22.64
CA GLU A 54 -23.33 -10.65 22.55
C GLU A 54 -22.24 -11.66 22.78
N ILE A 55 -21.07 -11.44 22.21
CA ILE A 55 -19.98 -12.38 22.39
C ILE A 55 -19.53 -12.42 23.85
N ASN A 56 -19.80 -11.33 24.58
CA ASN A 56 -19.42 -11.28 25.99
C ASN A 56 -20.49 -11.92 26.87
N LYS A 57 -21.74 -11.86 26.42
CA LYS A 57 -22.82 -12.46 27.17
C LYS A 57 -22.81 -13.96 26.88
N ASP A 58 -22.11 -14.35 25.80
CA ASP A 58 -22.03 -15.75 25.39
C ASP A 58 -21.07 -16.53 26.25
N ASN A 59 -21.43 -17.80 26.53
CA ASN A 59 -20.65 -18.73 27.35
C ASN A 59 -19.79 -19.73 26.58
N TYR A 60 -20.25 -20.14 25.39
CA TYR A 60 -19.52 -21.13 24.59
C TYR A 60 -18.53 -20.58 23.55
N LEU A 61 -18.32 -19.26 23.60
CA LEU A 61 -17.42 -18.58 22.69
C LEU A 61 -16.70 -17.49 23.46
N LEU A 62 -15.38 -17.63 23.55
CA LEU A 62 -14.57 -16.66 24.26
C LEU A 62 -15.29 -16.17 25.51
N PRO A 63 -15.10 -16.91 26.62
CA PRO A 63 -15.68 -16.66 27.94
C PRO A 63 -14.70 -15.94 28.87
N GLY A 64 -13.53 -16.53 29.06
CA GLY A 64 -12.53 -15.94 29.93
C GLY A 64 -11.71 -14.86 29.25
N VAL A 65 -12.16 -14.44 28.07
CA VAL A 65 -11.47 -13.42 27.32
C VAL A 65 -12.48 -12.37 26.90
N LYS A 66 -12.73 -11.37 27.74
CA LYS A 66 -13.68 -10.31 27.40
C LYS A 66 -13.17 -9.58 26.15
N LEU A 67 -14.07 -9.25 25.23
CA LEU A 67 -13.65 -8.54 24.03
C LEU A 67 -13.84 -7.05 24.12
N GLY A 68 -12.73 -6.34 23.96
CA GLY A 68 -12.77 -4.90 23.99
C GLY A 68 -12.68 -4.37 22.58
N VAL A 69 -13.18 -3.16 22.39
CA VAL A 69 -13.16 -2.57 21.07
C VAL A 69 -12.61 -1.17 21.11
N HIS A 70 -12.02 -0.76 20.00
CA HIS A 70 -11.50 0.57 19.83
C HIS A 70 -11.99 0.96 18.43
N ILE A 71 -13.11 1.67 18.39
CA ILE A 71 -13.74 2.06 17.13
C ILE A 71 -13.49 3.49 16.71
N LEU A 72 -13.08 3.71 15.47
CA LEU A 72 -12.81 5.06 14.97
C LEU A 72 -13.63 5.38 13.72
N ASP A 73 -14.12 6.62 13.62
CA ASP A 73 -14.91 7.05 12.45
C ASP A 73 -13.92 7.21 11.30
N THR A 74 -14.33 6.88 10.07
CA THR A 74 -13.43 7.03 8.91
C THR A 74 -13.80 8.24 8.01
N CYS A 75 -14.84 8.96 8.41
CA CYS A 75 -15.36 10.11 7.68
C CYS A 75 -15.37 9.86 6.18
N SER A 76 -15.70 8.63 5.84
CA SER A 76 -15.80 8.17 4.47
C SER A 76 -14.58 8.43 3.63
N ARG A 77 -13.52 9.00 4.20
CA ARG A 77 -12.34 9.30 3.39
C ARG A 77 -11.21 8.35 3.67
N ASP A 78 -10.54 7.89 2.62
CA ASP A 78 -9.43 6.95 2.82
C ASP A 78 -8.31 7.58 3.61
N THR A 79 -7.75 8.65 3.07
CA THR A 79 -6.66 9.33 3.75
C THR A 79 -6.94 9.56 5.21
N TYR A 80 -8.21 9.73 5.55
CA TYR A 80 -8.59 9.98 6.93
C TYR A 80 -8.60 8.71 7.78
N ALA A 81 -9.27 7.69 7.28
CA ALA A 81 -9.32 6.42 8.01
C ALA A 81 -7.88 5.97 8.18
N LEU A 82 -7.09 6.13 7.13
CA LEU A 82 -5.70 5.75 7.15
C LEU A 82 -5.03 6.38 8.37
N GLU A 83 -5.15 7.69 8.49
CA GLU A 83 -4.56 8.39 9.64
C GLU A 83 -5.06 7.79 10.95
N GLN A 84 -6.38 7.64 11.06
CA GLN A 84 -6.98 7.07 12.26
C GLN A 84 -6.40 5.71 12.55
N SER A 85 -6.35 4.86 11.52
CA SER A 85 -5.84 3.50 11.61
C SER A 85 -4.46 3.47 12.20
N LEU A 86 -3.73 4.57 12.06
CA LEU A 86 -2.39 4.64 12.60
C LEU A 86 -2.52 4.39 14.10
N GLU A 87 -3.71 4.65 14.60
CA GLU A 87 -4.03 4.44 16.01
C GLU A 87 -3.79 2.98 16.38
N PHE A 88 -4.15 2.06 15.48
CA PHE A 88 -4.01 0.64 15.78
C PHE A 88 -2.59 0.10 15.71
N VAL A 89 -1.81 0.47 14.69
CA VAL A 89 -0.46 -0.06 14.60
C VAL A 89 0.36 0.50 15.73
N ARG A 90 0.06 1.73 16.11
CA ARG A 90 0.76 2.40 17.20
C ARG A 90 0.37 1.67 18.48
N ALA A 91 -0.81 1.05 18.45
CA ALA A 91 -1.34 0.33 19.59
C ALA A 91 -0.73 -1.06 19.85
N SER A 92 0.30 -1.41 19.10
CA SER A 92 0.94 -2.71 19.29
C SER A 92 2.12 -2.62 20.24
N LEU A 93 2.60 -1.39 20.45
CA LEU A 93 3.74 -1.16 21.34
C LEU A 93 3.38 -1.34 22.82
N ILE A 114 -2.65 3.67 28.06
CA ILE A 114 -3.47 4.38 27.07
C ILE A 114 -3.57 3.60 25.76
N PRO A 115 -2.47 2.97 25.31
CA PRO A 115 -2.50 2.22 24.06
C PRO A 115 -3.21 0.88 24.22
N LEU A 116 -4.02 0.51 23.24
CA LEU A 116 -4.77 -0.76 23.29
C LEU A 116 -4.24 -1.87 22.39
N LEU A 117 -3.92 -3.01 23.00
CA LEU A 117 -3.41 -4.15 22.25
C LEU A 117 -4.47 -4.68 21.29
N ILE A 118 -4.38 -4.27 20.03
CA ILE A 118 -5.32 -4.69 19.00
C ILE A 118 -5.06 -6.13 18.55
N ALA A 119 -6.13 -6.89 18.41
CA ALA A 119 -6.02 -8.28 17.95
C ALA A 119 -6.29 -8.34 16.44
N GLY A 120 -7.31 -7.61 16.03
CA GLY A 120 -7.69 -7.57 14.63
C GLY A 120 -8.58 -6.36 14.39
N VAL A 121 -8.60 -5.88 13.17
CA VAL A 121 -9.44 -4.73 12.85
C VAL A 121 -10.64 -5.16 12.03
N ILE A 122 -11.82 -4.83 12.51
CA ILE A 122 -13.06 -5.16 11.82
C ILE A 122 -13.37 -3.91 11.08
N GLY A 123 -13.12 -3.87 9.80
CA GLY A 123 -13.44 -2.64 9.13
C GLY A 123 -13.09 -2.39 7.69
N GLY A 124 -13.69 -1.31 7.22
CA GLY A 124 -13.47 -0.88 5.89
C GLY A 124 -14.81 -0.94 5.21
N SER A 125 -15.59 0.13 5.27
CA SER A 125 -16.84 0.07 4.55
C SER A 125 -16.49 0.30 3.05
N TYR A 126 -16.04 1.50 2.70
CA TYR A 126 -15.71 1.75 1.29
C TYR A 126 -14.45 1.00 0.93
N SER A 127 -14.42 0.40 -0.26
CA SER A 127 -13.26 -0.35 -0.70
C SER A 127 -12.07 0.56 -0.60
N SER A 128 -12.33 1.76 -1.10
CA SER A 128 -11.37 2.85 -1.14
C SER A 128 -10.51 2.90 0.14
N VAL A 129 -11.18 2.84 1.27
CA VAL A 129 -10.47 2.88 2.53
C VAL A 129 -9.97 1.53 3.02
N SER A 130 -10.67 0.46 2.70
CA SER A 130 -10.19 -0.81 3.19
C SER A 130 -8.83 -1.09 2.65
N ILE A 131 -8.60 -0.70 1.40
CA ILE A 131 -7.30 -0.93 0.81
C ILE A 131 -6.26 -0.06 1.50
N GLN A 132 -6.42 1.25 1.37
CA GLN A 132 -5.51 2.18 1.99
C GLN A 132 -5.17 1.71 3.38
N VAL A 133 -6.15 1.12 4.06
CA VAL A 133 -5.94 0.66 5.40
C VAL A 133 -5.15 -0.62 5.40
N ALA A 134 -5.55 -1.57 4.57
CA ALA A 134 -4.86 -2.85 4.51
C ALA A 134 -3.37 -2.62 4.32
N ASN A 135 -3.04 -1.66 3.47
CA ASN A 135 -1.65 -1.38 3.20
C ASN A 135 -0.83 -1.08 4.45
N LEU A 136 -1.49 -0.70 5.54
CA LEU A 136 -0.76 -0.38 6.75
C LEU A 136 -0.76 -1.49 7.82
N LEU A 137 -1.88 -2.20 7.97
CA LEU A 137 -1.99 -3.27 8.96
C LEU A 137 -1.07 -4.45 8.70
N ARG A 138 -0.74 -4.65 7.41
CA ARG A 138 0.14 -5.75 7.00
C ARG A 138 1.53 -5.47 7.50
N LEU A 139 1.93 -4.21 7.42
CA LEU A 139 3.23 -3.81 7.90
C LEU A 139 3.38 -4.10 9.38
N PHE A 140 2.28 -4.42 10.06
CA PHE A 140 2.34 -4.73 11.48
C PHE A 140 1.62 -6.02 11.79
N GLN A 141 1.38 -6.83 10.77
CA GLN A 141 0.71 -8.11 10.95
C GLN A 141 -0.55 -8.02 11.79
N ILE A 142 -1.56 -7.33 11.25
CA ILE A 142 -2.82 -7.22 11.96
C ILE A 142 -3.93 -7.73 11.08
N PRO A 143 -4.67 -8.73 11.54
CA PRO A 143 -5.77 -9.23 10.71
C PRO A 143 -6.94 -8.25 10.53
N GLN A 144 -7.29 -8.00 9.28
CA GLN A 144 -8.39 -7.09 8.98
C GLN A 144 -9.53 -7.90 8.37
N ILE A 145 -10.75 -7.45 8.58
CA ILE A 145 -11.91 -8.12 8.01
C ILE A 145 -12.94 -7.08 7.63
N SER A 146 -13.30 -6.99 6.36
CA SER A 146 -14.29 -5.99 6.01
C SER A 146 -15.64 -6.61 5.92
N TYR A 147 -16.64 -5.82 6.26
CA TYR A 147 -18.01 -6.27 6.24
C TYR A 147 -18.67 -5.67 5.02
N ALA A 148 -17.91 -5.05 4.13
CA ALA A 148 -18.55 -4.44 2.96
C ALA A 148 -17.70 -4.05 1.79
N SER A 149 -16.39 -3.88 1.97
CA SER A 149 -15.55 -3.51 0.84
C SER A 149 -15.66 -4.60 -0.20
N THR A 150 -15.94 -4.24 -1.43
CA THR A 150 -16.09 -5.29 -2.40
C THR A 150 -15.13 -5.30 -3.57
N SER A 151 -14.21 -4.35 -3.66
CA SER A 151 -13.28 -4.31 -4.80
C SER A 151 -12.49 -5.60 -5.07
N ALA A 152 -12.49 -6.01 -6.32
CA ALA A 152 -11.80 -7.22 -6.72
C ALA A 152 -10.34 -7.07 -6.37
N LYS A 153 -9.86 -5.84 -6.37
CA LYS A 153 -8.47 -5.59 -6.08
C LYS A 153 -8.04 -6.28 -4.79
N LEU A 154 -8.94 -6.31 -3.81
CA LEU A 154 -8.63 -6.91 -2.52
C LEU A 154 -8.48 -8.40 -2.54
N SER A 155 -9.10 -9.05 -3.51
CA SER A 155 -9.02 -10.50 -3.57
C SER A 155 -7.56 -10.93 -3.71
N ASP A 156 -6.74 -10.07 -4.30
CA ASP A 156 -5.31 -10.35 -4.51
C ASP A 156 -4.52 -10.55 -3.22
N LYS A 157 -4.45 -11.80 -2.76
CA LYS A 157 -3.78 -12.13 -1.49
C LYS A 157 -2.25 -12.03 -1.46
N SER A 158 -1.69 -11.33 -2.44
CA SER A 158 -0.24 -11.16 -2.50
C SER A 158 0.13 -9.73 -2.14
N ARG A 159 -0.89 -8.87 -2.12
CA ARG A 159 -0.73 -7.47 -1.79
C ARG A 159 -1.52 -7.14 -0.54
N TYR A 160 -2.53 -7.95 -0.26
CA TYR A 160 -3.36 -7.73 0.89
C TYR A 160 -3.37 -9.00 1.70
N ASP A 161 -2.19 -9.47 2.05
CA ASP A 161 -2.03 -10.71 2.80
C ASP A 161 -2.64 -10.81 4.19
N TYR A 162 -3.15 -9.71 4.75
CA TYR A 162 -3.73 -9.77 6.06
C TYR A 162 -5.17 -9.34 6.07
N PHE A 163 -5.77 -9.32 4.89
CA PHE A 163 -7.16 -8.91 4.73
C PHE A 163 -8.08 -10.07 4.42
N ALA A 164 -9.31 -9.95 4.89
CA ALA A 164 -10.33 -10.94 4.66
C ALA A 164 -11.62 -10.13 4.73
N ARG A 165 -12.69 -10.64 4.17
CA ARG A 165 -13.91 -9.90 4.27
C ARG A 165 -15.01 -10.90 4.23
N THR A 166 -16.21 -10.48 4.60
CA THR A 166 -17.35 -11.38 4.61
C THR A 166 -18.34 -11.07 3.51
N VAL A 167 -17.85 -10.48 2.43
CA VAL A 167 -18.65 -10.13 1.25
C VAL A 167 -17.80 -10.51 0.04
N PRO A 168 -18.42 -10.87 -1.09
CA PRO A 168 -17.78 -11.28 -2.33
C PRO A 168 -17.36 -10.12 -3.23
N PRO A 169 -16.24 -10.27 -3.97
CA PRO A 169 -15.69 -9.25 -4.88
C PRO A 169 -16.64 -8.86 -6.00
N ASP A 170 -16.49 -7.64 -6.52
CA ASP A 170 -17.34 -7.13 -7.60
C ASP A 170 -17.23 -7.92 -8.89
N PHE A 171 -16.23 -8.79 -8.96
CA PHE A 171 -16.03 -9.63 -10.13
C PHE A 171 -17.30 -10.45 -10.36
N TYR A 172 -18.00 -10.76 -9.26
CA TYR A 172 -19.22 -11.53 -9.35
C TYR A 172 -20.45 -10.67 -9.41
N GLN A 173 -20.31 -9.38 -9.16
CA GLN A 173 -21.46 -8.50 -9.21
C GLN A 173 -21.55 -7.95 -10.62
N ALA A 174 -20.40 -7.62 -11.19
CA ALA A 174 -20.37 -7.12 -12.55
C ALA A 174 -21.04 -8.15 -13.43
N LYS A 175 -20.66 -9.41 -13.25
CA LYS A 175 -21.28 -10.47 -14.02
C LYS A 175 -22.80 -10.35 -13.84
N ALA A 176 -23.25 -10.42 -12.60
CA ALA A 176 -24.66 -10.30 -12.31
C ALA A 176 -25.27 -9.09 -13.03
N MET A 177 -24.51 -8.01 -13.12
CA MET A 177 -25.00 -6.83 -13.79
C MET A 177 -25.10 -7.02 -15.30
N ALA A 178 -24.00 -7.37 -15.93
CA ALA A 178 -24.02 -7.58 -17.37
C ALA A 178 -25.10 -8.59 -17.74
N GLU A 179 -25.20 -9.67 -16.96
CA GLU A 179 -26.20 -10.68 -17.24
C GLU A 179 -27.62 -10.12 -17.17
N ILE A 180 -27.79 -8.97 -16.51
CA ILE A 180 -29.10 -8.37 -16.41
C ILE A 180 -29.45 -7.58 -17.66
N LEU A 181 -28.43 -7.03 -18.30
CA LEU A 181 -28.64 -6.25 -19.51
C LEU A 181 -28.73 -7.23 -20.68
N ARG A 182 -27.82 -8.19 -20.69
CA ARG A 182 -27.81 -9.21 -21.75
C ARG A 182 -29.18 -9.92 -21.79
N PHE A 183 -29.92 -9.89 -20.68
CA PHE A 183 -31.21 -10.55 -20.69
C PHE A 183 -32.24 -9.64 -21.31
N PHE A 184 -32.05 -8.33 -21.17
CA PHE A 184 -32.98 -7.35 -21.73
C PHE A 184 -32.40 -6.70 -22.97
N ASN A 185 -31.60 -7.48 -23.71
CA ASN A 185 -30.98 -7.05 -24.95
C ASN A 185 -30.55 -5.59 -24.95
N TRP A 186 -30.24 -5.05 -23.78
CA TRP A 186 -29.78 -3.68 -23.68
C TRP A 186 -28.33 -3.68 -24.17
N THR A 187 -28.17 -3.81 -25.50
CA THR A 187 -26.86 -3.88 -26.16
C THR A 187 -26.03 -2.59 -26.15
N TYR A 188 -26.71 -1.46 -26.02
CA TYR A 188 -26.04 -0.16 -26.03
C TYR A 188 -26.44 0.63 -24.79
N VAL A 189 -25.58 0.63 -23.77
CA VAL A 189 -25.88 1.39 -22.55
C VAL A 189 -24.69 2.23 -22.12
N SER A 190 -24.95 3.24 -21.29
CA SER A 190 -23.90 4.14 -20.81
C SER A 190 -23.47 3.82 -19.39
N THR A 191 -22.21 4.09 -19.07
CA THR A 191 -21.73 3.83 -17.73
C THR A 191 -21.11 5.05 -17.07
N VAL A 192 -21.36 5.20 -15.78
CA VAL A 192 -20.81 6.29 -14.99
C VAL A 192 -20.41 5.63 -13.66
N ALA A 193 -19.13 5.78 -13.30
CA ALA A 193 -18.61 5.17 -12.10
C ALA A 193 -17.86 6.10 -11.16
N SER A 194 -18.10 5.96 -9.86
CA SER A 194 -17.41 6.78 -8.87
C SER A 194 -15.91 6.73 -9.09
N GLU A 195 -15.23 7.82 -8.83
CA GLU A 195 -13.79 7.82 -8.95
C GLU A 195 -13.41 7.05 -7.69
N GLY A 196 -12.26 6.39 -7.68
CA GLY A 196 -11.86 5.64 -6.50
C GLY A 196 -11.89 4.14 -6.72
N ASP A 197 -10.95 3.45 -6.10
CA ASP A 197 -10.84 2.00 -6.23
C ASP A 197 -12.14 1.23 -6.30
N TYR A 198 -13.20 1.75 -5.68
CA TYR A 198 -14.45 1.01 -5.73
C TYR A 198 -15.11 1.06 -7.10
N GLY A 199 -15.49 2.26 -7.51
CA GLY A 199 -16.16 2.46 -8.78
C GLY A 199 -15.29 2.08 -9.93
N GLU A 200 -14.04 2.53 -9.91
CA GLU A 200 -13.14 2.22 -11.00
C GLU A 200 -13.05 0.73 -11.28
N THR A 201 -12.41 -0.01 -10.36
CA THR A 201 -12.23 -1.47 -10.51
C THR A 201 -13.55 -2.17 -10.76
N GLY A 202 -14.59 -1.70 -10.08
CA GLY A 202 -15.91 -2.29 -10.21
C GLY A 202 -16.47 -2.09 -11.61
N ILE A 203 -16.08 -1.03 -12.28
CA ILE A 203 -16.60 -0.84 -13.61
C ILE A 203 -15.73 -1.57 -14.59
N GLU A 204 -14.41 -1.55 -14.35
CA GLU A 204 -13.48 -2.25 -15.24
C GLU A 204 -13.91 -3.69 -15.31
N ALA A 205 -14.57 -4.11 -14.24
CA ALA A 205 -15.07 -5.46 -14.16
C ALA A 205 -16.28 -5.56 -15.07
N PHE A 206 -17.18 -4.60 -14.98
CA PHE A 206 -18.35 -4.61 -15.83
C PHE A 206 -17.95 -4.43 -17.29
N GLU A 207 -17.01 -3.53 -17.55
CA GLU A 207 -16.57 -3.26 -18.90
C GLU A 207 -16.24 -4.57 -19.63
N GLN A 208 -15.41 -5.41 -19.02
CA GLN A 208 -15.03 -6.71 -19.61
C GLN A 208 -16.25 -7.60 -19.84
N GLU A 209 -16.95 -7.93 -18.76
CA GLU A 209 -18.13 -8.77 -18.86
C GLU A 209 -19.13 -8.17 -19.84
N ALA A 210 -19.00 -6.87 -20.10
CA ALA A 210 -19.90 -6.19 -21.02
C ALA A 210 -19.60 -6.56 -22.47
N ARG A 211 -18.32 -6.48 -22.84
CA ARG A 211 -17.88 -6.82 -24.19
C ARG A 211 -18.26 -8.26 -24.50
N LEU A 212 -17.87 -9.16 -23.60
CA LEU A 212 -18.13 -10.59 -23.75
C LEU A 212 -19.56 -11.01 -24.08
N ARG A 213 -20.55 -10.17 -23.73
CA ARG A 213 -21.94 -10.52 -24.00
C ARG A 213 -22.49 -9.61 -25.09
N ASN A 214 -21.58 -9.08 -25.90
CA ASN A 214 -21.91 -8.18 -27.01
C ASN A 214 -22.75 -7.00 -26.55
N ILE A 215 -22.12 -6.16 -25.71
CA ILE A 215 -22.74 -4.96 -25.17
C ILE A 215 -21.77 -3.81 -25.38
N CYS A 216 -22.18 -2.83 -26.18
CA CYS A 216 -21.36 -1.66 -26.48
C CYS A 216 -21.67 -0.54 -25.50
N ILE A 217 -20.60 0.05 -24.99
CA ILE A 217 -20.73 1.12 -24.03
C ILE A 217 -20.72 2.47 -24.72
N ALA A 218 -21.89 3.10 -24.69
CA ALA A 218 -22.11 4.41 -25.29
C ALA A 218 -21.06 5.42 -24.83
N THR A 219 -21.35 6.10 -23.72
CA THR A 219 -20.42 7.06 -23.18
C THR A 219 -19.95 6.55 -21.83
N ALA A 220 -18.64 6.58 -21.60
CA ALA A 220 -18.08 6.11 -20.36
C ALA A 220 -17.87 7.28 -19.41
N GLU A 221 -18.85 7.52 -18.54
CA GLU A 221 -18.79 8.61 -17.57
C GLU A 221 -18.18 8.22 -16.22
N LYS A 222 -17.61 9.21 -15.53
CA LYS A 222 -17.03 8.96 -14.22
C LYS A 222 -16.91 10.26 -13.44
N VAL A 223 -17.52 10.32 -12.27
CA VAL A 223 -17.50 11.50 -11.40
C VAL A 223 -16.24 11.46 -10.53
N GLY A 224 -16.16 12.33 -9.53
CA GLY A 224 -14.97 12.34 -8.69
C GLY A 224 -14.97 13.02 -7.33
N ARG A 225 -13.79 13.52 -6.96
CA ARG A 225 -13.55 14.20 -5.69
C ARG A 225 -13.89 15.69 -5.73
N SER A 226 -14.22 16.24 -4.56
CA SER A 226 -14.57 17.66 -4.43
C SER A 226 -15.50 18.12 -5.55
N ASN A 227 -16.21 17.17 -6.15
CA ASN A 227 -17.14 17.47 -7.23
C ASN A 227 -18.38 18.17 -6.71
N ILE A 228 -18.83 19.18 -7.46
CA ILE A 228 -20.01 19.95 -7.12
C ILE A 228 -21.09 19.62 -8.14
N ARG A 229 -22.14 20.44 -8.17
CA ARG A 229 -23.25 20.24 -9.09
C ARG A 229 -22.82 20.22 -10.56
N LYS A 230 -22.07 21.24 -10.98
CA LYS A 230 -21.60 21.37 -12.36
C LYS A 230 -20.95 20.14 -12.99
N SER A 231 -20.21 19.36 -12.20
CA SER A 231 -19.56 18.18 -12.75
C SER A 231 -20.54 17.02 -12.84
N TYR A 232 -21.59 17.05 -12.02
CA TYR A 232 -22.59 16.01 -12.06
C TYR A 232 -23.53 16.28 -13.20
N ASP A 233 -23.94 17.54 -13.35
CA ASP A 233 -24.82 17.92 -14.45
C ASP A 233 -24.07 17.61 -15.74
N SER A 234 -22.79 17.98 -15.74
CA SER A 234 -21.89 17.74 -16.87
C SER A 234 -21.98 16.26 -17.28
N VAL A 235 -22.01 15.39 -16.29
CA VAL A 235 -22.13 13.96 -16.50
C VAL A 235 -23.50 13.63 -17.07
N ILE A 236 -24.52 14.33 -16.58
CA ILE A 236 -25.87 14.10 -17.06
C ILE A 236 -25.92 14.53 -18.51
N ARG A 237 -25.39 15.72 -18.77
CA ARG A 237 -25.38 16.24 -20.13
C ARG A 237 -24.89 15.13 -21.03
N GLU A 238 -23.64 14.70 -20.80
CA GLU A 238 -23.02 13.67 -21.60
C GLU A 238 -23.79 12.37 -21.67
N LEU A 239 -24.66 12.12 -20.70
CA LEU A 239 -25.46 10.89 -20.72
C LEU A 239 -26.59 11.12 -21.68
N LEU A 240 -26.81 12.40 -21.94
CA LEU A 240 -27.86 12.84 -22.83
C LEU A 240 -27.39 12.96 -24.28
N GLN A 241 -26.08 13.15 -24.47
CA GLN A 241 -25.50 13.27 -25.80
C GLN A 241 -25.52 11.94 -26.55
N LYS A 242 -26.05 10.90 -25.90
CA LYS A 242 -26.15 9.57 -26.50
C LYS A 242 -27.53 9.08 -26.09
N PRO A 243 -28.58 9.86 -26.39
CA PRO A 243 -29.98 9.56 -26.07
C PRO A 243 -30.52 8.25 -26.60
N ASN A 244 -29.67 7.45 -27.25
CA ASN A 244 -30.10 6.17 -27.76
C ASN A 244 -30.05 5.14 -26.63
N ALA A 245 -29.08 5.34 -25.74
CA ALA A 245 -28.88 4.47 -24.57
C ALA A 245 -29.70 5.03 -23.42
N ARG A 246 -30.85 4.42 -23.19
CA ARG A 246 -31.74 4.85 -22.11
C ARG A 246 -31.37 4.14 -20.80
N VAL A 247 -30.49 3.15 -20.89
CA VAL A 247 -30.05 2.39 -19.73
C VAL A 247 -28.65 2.82 -19.26
N VAL A 248 -28.57 3.38 -18.05
CA VAL A 248 -27.30 3.81 -17.50
C VAL A 248 -26.87 2.90 -16.36
N VAL A 249 -25.65 2.38 -16.48
CA VAL A 249 -25.07 1.50 -15.49
C VAL A 249 -24.33 2.35 -14.46
N LEU A 250 -24.59 2.08 -13.20
CA LEU A 250 -23.95 2.83 -12.16
C LEU A 250 -23.12 1.96 -11.23
N PHE A 251 -21.83 2.27 -11.14
CA PHE A 251 -20.91 1.59 -10.23
C PHE A 251 -20.32 2.73 -9.40
N MET A 252 -21.19 3.33 -8.59
CA MET A 252 -20.83 4.46 -7.77
C MET A 252 -21.10 4.27 -6.30
N ARG A 253 -20.30 4.97 -5.49
CA ARG A 253 -20.37 4.98 -4.04
C ARG A 253 -21.71 5.48 -3.65
N SER A 254 -22.13 5.16 -2.43
CA SER A 254 -23.42 5.61 -1.95
C SER A 254 -23.58 7.11 -2.20
N ASP A 255 -22.57 7.89 -1.79
CA ASP A 255 -22.62 9.33 -1.96
C ASP A 255 -22.66 9.80 -3.42
N ASP A 256 -21.64 9.47 -4.20
CA ASP A 256 -21.62 9.88 -5.59
C ASP A 256 -22.87 9.45 -6.34
N SER A 257 -23.53 8.39 -5.85
CA SER A 257 -24.72 7.87 -6.50
C SER A 257 -25.92 8.75 -6.25
N ARG A 258 -25.85 9.52 -5.18
CA ARG A 258 -26.95 10.43 -4.84
C ARG A 258 -26.76 11.74 -5.61
N GLU A 259 -25.54 12.28 -5.56
CA GLU A 259 -25.24 13.52 -6.25
C GLU A 259 -25.61 13.44 -7.73
N LEU A 260 -25.38 12.28 -8.33
CA LEU A 260 -25.69 12.05 -9.73
C LEU A 260 -27.19 12.17 -9.94
N ILE A 261 -27.98 11.42 -9.17
CA ILE A 261 -29.42 11.48 -9.31
C ILE A 261 -29.93 12.87 -9.01
N ALA A 262 -29.30 13.54 -8.05
CA ALA A 262 -29.70 14.89 -7.67
C ALA A 262 -29.58 15.73 -8.92
N ALA A 263 -28.42 15.67 -9.55
CA ALA A 263 -28.16 16.42 -10.76
C ALA A 263 -29.18 16.04 -11.81
N ALA A 264 -29.21 14.76 -12.16
CA ALA A 264 -30.14 14.25 -13.16
C ALA A 264 -31.57 14.73 -12.94
N ASN A 265 -31.90 15.17 -11.73
CA ASN A 265 -33.25 15.62 -11.47
C ASN A 265 -33.48 17.10 -11.75
N ARG A 266 -32.51 17.93 -11.35
CA ARG A 266 -32.63 19.36 -11.54
C ARG A 266 -33.01 19.64 -12.97
N VAL A 267 -32.53 18.77 -13.85
CA VAL A 267 -32.79 18.90 -15.28
C VAL A 267 -33.69 17.81 -15.87
N ASN A 268 -34.73 17.46 -15.12
CA ASN A 268 -35.71 16.43 -15.51
C ASN A 268 -35.21 15.37 -16.48
N ALA A 269 -33.96 14.95 -16.30
CA ALA A 269 -33.37 13.91 -17.15
C ALA A 269 -33.89 12.57 -16.69
N SER A 270 -34.14 11.66 -17.62
CA SER A 270 -34.67 10.35 -17.25
C SER A 270 -33.97 9.17 -17.92
N PHE A 271 -33.66 8.16 -17.12
CA PHE A 271 -33.01 6.94 -17.62
C PHE A 271 -33.47 5.75 -16.77
N THR A 272 -33.01 4.55 -17.16
CA THR A 272 -33.31 3.33 -16.44
C THR A 272 -32.02 3.04 -15.70
N TRP A 273 -32.02 3.40 -14.42
CA TRP A 273 -30.83 3.23 -13.59
C TRP A 273 -30.54 1.79 -13.16
N VAL A 274 -29.36 1.32 -13.53
CA VAL A 274 -28.91 0.00 -13.13
C VAL A 274 -27.69 0.29 -12.26
N ALA A 275 -27.85 0.17 -10.95
CA ALA A 275 -26.77 0.48 -10.04
C ALA A 275 -26.25 -0.65 -9.16
N SER A 276 -24.96 -0.56 -8.85
CA SER A 276 -24.27 -1.52 -8.01
C SER A 276 -24.77 -1.33 -6.58
N ASP A 277 -24.39 -2.25 -5.70
CA ASP A 277 -24.83 -2.16 -4.32
C ASP A 277 -24.54 -0.76 -3.81
N GLY A 278 -23.48 -0.13 -4.32
CA GLY A 278 -23.14 1.22 -3.89
C GLY A 278 -24.37 2.06 -3.59
N TRP A 279 -25.33 1.96 -4.50
CA TRP A 279 -26.61 2.66 -4.38
C TRP A 279 -27.44 1.65 -3.59
N GLY A 280 -27.39 0.41 -4.03
CA GLY A 280 -28.12 -0.64 -3.35
C GLY A 280 -29.61 -0.39 -3.25
N ALA A 281 -30.15 -0.68 -2.07
CA ALA A 281 -31.58 -0.50 -1.85
C ALA A 281 -31.84 0.63 -0.88
N GLN A 282 -30.90 1.57 -0.83
CA GLN A 282 -31.03 2.69 0.07
C GLN A 282 -32.15 3.61 -0.37
N GLU A 283 -33.12 3.84 0.52
CA GLU A 283 -34.24 4.70 0.21
C GLU A 283 -33.82 6.13 0.49
N SER A 284 -32.61 6.28 1.02
CA SER A 284 -32.10 7.58 1.34
C SER A 284 -31.38 8.22 0.17
N ILE A 285 -31.28 7.47 -0.92
CA ILE A 285 -30.59 7.95 -2.11
C ILE A 285 -31.56 8.66 -3.03
N VAL A 286 -32.73 8.05 -3.17
CA VAL A 286 -33.76 8.57 -4.05
C VAL A 286 -34.52 9.72 -3.38
N LYS A 287 -34.26 9.97 -2.10
CA LYS A 287 -34.95 11.04 -1.38
C LYS A 287 -34.69 12.42 -2.00
N GLY A 288 -35.74 13.03 -2.53
CA GLY A 288 -35.62 14.33 -3.14
C GLY A 288 -35.64 14.20 -4.65
N SER A 289 -35.87 12.99 -5.13
CA SER A 289 -35.91 12.68 -6.56
C SER A 289 -36.63 11.34 -6.75
N GLU A 290 -37.56 11.06 -5.84
CA GLU A 290 -38.32 9.82 -5.87
C GLU A 290 -38.75 9.36 -7.25
N HIS A 291 -38.86 10.27 -8.22
CA HIS A 291 -39.29 9.92 -9.57
C HIS A 291 -38.17 9.83 -10.61
N VAL A 292 -37.23 10.77 -10.59
CA VAL A 292 -36.10 10.78 -11.53
C VAL A 292 -35.32 9.47 -11.41
N ALA A 293 -35.57 8.75 -10.31
CA ALA A 293 -34.91 7.48 -10.05
C ALA A 293 -35.89 6.31 -10.17
N TYR A 294 -37.18 6.63 -10.31
CA TYR A 294 -38.22 5.60 -10.43
C TYR A 294 -37.86 4.54 -11.47
N GLY A 295 -38.50 3.38 -11.34
CA GLY A 295 -38.32 2.28 -12.26
C GLY A 295 -36.88 1.94 -12.56
N ALA A 296 -36.03 2.03 -11.55
CA ALA A 296 -34.62 1.72 -11.72
C ALA A 296 -34.36 0.32 -11.21
N ILE A 297 -33.17 -0.18 -11.49
CA ILE A 297 -32.78 -1.51 -11.05
C ILE A 297 -31.41 -1.44 -10.35
N THR A 298 -31.38 -1.86 -9.08
CA THR A 298 -30.15 -1.84 -8.31
C THR A 298 -29.91 -3.15 -7.62
N LEU A 299 -28.63 -3.55 -7.53
CA LEU A 299 -28.25 -4.79 -6.89
C LEU A 299 -27.79 -4.62 -5.44
N GLU A 300 -27.91 -5.66 -4.64
CA GLU A 300 -27.43 -5.61 -3.26
C GLU A 300 -26.90 -7.00 -2.92
N LEU A 301 -26.18 -7.16 -1.81
CA LEU A 301 -25.68 -8.48 -1.43
C LEU A 301 -26.82 -9.25 -0.81
N ALA A 302 -26.77 -10.57 -0.94
CA ALA A 302 -27.84 -11.39 -0.39
C ALA A 302 -27.63 -11.47 1.10
N SER A 303 -28.58 -10.96 1.88
CA SER A 303 -28.45 -11.02 3.33
C SER A 303 -29.82 -11.05 3.99
N HIS A 304 -29.91 -11.74 5.13
CA HIS A 304 -31.17 -11.85 5.84
C HIS A 304 -31.03 -11.10 7.15
N PRO A 305 -31.82 -10.03 7.36
CA PRO A 305 -31.80 -9.22 8.59
C PRO A 305 -31.56 -9.98 9.89
N VAL A 306 -30.80 -9.39 10.80
CA VAL A 306 -30.48 -10.01 12.08
C VAL A 306 -31.51 -9.60 13.10
N ARG A 307 -32.48 -10.48 13.33
CA ARG A 307 -33.57 -10.20 14.27
C ARG A 307 -33.22 -9.43 15.56
N GLN A 308 -32.33 -10.00 16.37
CA GLN A 308 -31.96 -9.39 17.64
C GLN A 308 -31.44 -7.95 17.51
N PHE A 309 -30.59 -7.70 16.52
CA PHE A 309 -30.08 -6.37 16.33
C PHE A 309 -31.24 -5.36 16.22
N ASP A 310 -32.31 -5.74 15.54
CA ASP A 310 -33.46 -4.86 15.42
C ASP A 310 -33.95 -4.39 16.78
N ARG A 311 -34.29 -5.34 17.64
CA ARG A 311 -34.77 -4.98 18.96
C ARG A 311 -33.70 -4.17 19.67
N TYR A 312 -32.45 -4.55 19.47
CA TYR A 312 -31.34 -3.85 20.09
C TYR A 312 -31.21 -2.38 19.69
N PHE A 313 -31.15 -2.13 18.40
CA PHE A 313 -30.99 -0.77 17.92
C PHE A 313 -32.19 0.06 18.33
N GLN A 314 -33.38 -0.43 18.04
CA GLN A 314 -34.58 0.33 18.37
C GLN A 314 -34.69 0.65 19.85
N SER A 315 -33.83 0.02 20.66
CA SER A 315 -33.86 0.22 22.11
C SER A 315 -32.95 1.34 22.52
N LEU A 316 -32.22 1.88 21.55
CA LEU A 316 -31.28 2.96 21.83
C LEU A 316 -31.94 4.33 21.86
N ASN A 317 -31.31 5.23 22.61
CA ASN A 317 -31.71 6.63 22.78
C ASN A 317 -30.61 7.35 23.54
N PRO A 318 -30.47 8.66 23.30
CA PRO A 318 -29.46 9.52 23.93
C PRO A 318 -29.34 9.46 25.44
N TYR A 319 -30.33 8.88 26.11
CA TYR A 319 -30.31 8.82 27.56
C TYR A 319 -29.70 7.52 28.07
N ASN A 320 -29.57 6.53 27.18
CA ASN A 320 -29.00 5.24 27.57
C ASN A 320 -27.81 4.78 26.73
N ASN A 321 -27.51 5.48 25.63
CA ASN A 321 -26.38 5.14 24.75
C ASN A 321 -25.30 6.17 25.03
N HIS A 322 -24.49 5.94 26.05
CA HIS A 322 -23.46 6.92 26.38
C HIS A 322 -22.08 6.61 25.81
N ARG A 323 -21.85 5.36 25.45
CA ARG A 323 -20.56 4.93 24.92
C ARG A 323 -20.35 5.29 23.45
N ASN A 324 -21.41 5.70 22.77
CA ASN A 324 -21.34 6.07 21.35
C ASN A 324 -21.38 7.58 21.24
N PRO A 325 -20.21 8.21 21.25
CA PRO A 325 -20.01 9.65 21.16
C PRO A 325 -20.71 10.31 19.98
N TRP A 326 -20.95 9.54 18.94
CA TRP A 326 -21.62 10.09 17.78
C TRP A 326 -23.16 10.02 17.89
N PHE A 327 -23.65 9.23 18.85
CA PHE A 327 -25.08 9.06 18.97
C PHE A 327 -25.92 10.32 19.01
N ARG A 328 -25.53 11.28 19.85
CA ARG A 328 -26.27 12.53 20.01
C ARG A 328 -26.45 13.24 18.67
N ASP A 329 -25.33 13.51 18.01
CA ASP A 329 -25.33 14.16 16.70
C ASP A 329 -26.23 13.40 15.74
N PHE A 330 -26.20 12.07 15.84
CA PHE A 330 -27.05 11.21 15.01
C PHE A 330 -28.49 11.48 15.40
N TRP A 331 -28.74 11.48 16.70
CA TRP A 331 -30.07 11.71 17.21
C TRP A 331 -30.57 13.06 16.77
N GLU A 332 -29.83 14.12 17.06
CA GLU A 332 -30.27 15.46 16.67
C GLU A 332 -30.54 15.54 15.16
N GLN A 333 -29.71 14.85 14.38
CA GLN A 333 -29.85 14.90 12.92
C GLN A 333 -31.03 14.12 12.40
N LYS A 334 -31.27 12.96 12.98
CA LYS A 334 -32.36 12.09 12.55
C LYS A 334 -33.71 12.69 12.88
N PHE A 335 -33.82 13.26 14.07
CA PHE A 335 -35.08 13.81 14.51
C PHE A 335 -35.26 15.29 14.29
N GLN A 336 -34.25 15.94 13.75
CA GLN A 336 -34.33 17.38 13.49
C GLN A 336 -34.31 18.09 14.85
N CYS A 337 -33.93 17.34 15.89
CA CYS A 337 -33.83 17.84 17.25
C CYS A 337 -33.03 19.12 17.40
N SER A 338 -32.46 19.24 18.59
CA SER A 338 -31.59 20.32 19.02
C SER A 338 -31.41 20.08 20.50
N LEU A 339 -30.25 20.43 21.04
CA LEU A 339 -29.99 20.25 22.46
C LEU A 339 -28.97 21.29 22.94
N GLN A 340 -28.61 21.25 24.23
CA GLN A 340 -27.63 22.18 24.77
C GLN A 340 -26.22 21.83 24.32
N ASN A 341 -26.00 20.53 24.06
CA ASN A 341 -24.70 20.05 23.58
C ASN A 341 -24.68 20.20 22.07
N LYS A 342 -25.23 21.31 21.59
CA LYS A 342 -25.30 21.59 20.15
C LYS A 342 -24.78 23.01 19.89
N ARG A 343 -25.06 23.53 18.69
CA ARG A 343 -24.65 24.87 18.31
C ARG A 343 -25.70 25.88 18.74
N ASN A 344 -26.58 26.24 17.81
CA ASN A 344 -27.67 27.18 18.06
C ASN A 344 -28.75 27.00 17.00
N HIS A 345 -29.81 26.26 17.33
CA HIS A 345 -30.87 26.02 16.36
C HIS A 345 -32.30 26.12 16.89
N ARG A 346 -33.25 25.66 16.08
CA ARG A 346 -34.67 25.70 16.39
C ARG A 346 -35.26 24.32 16.76
N GLN A 347 -36.44 24.36 17.38
CA GLN A 347 -37.22 23.21 17.86
C GLN A 347 -36.44 22.29 18.80
N VAL A 348 -36.78 22.32 20.08
CA VAL A 348 -36.12 21.49 21.06
C VAL A 348 -36.61 20.07 20.84
N CYS A 349 -36.16 19.11 21.63
CA CYS A 349 -36.59 17.74 21.41
C CYS A 349 -37.29 16.93 22.47
N ASP A 350 -38.46 16.41 22.08
CA ASP A 350 -39.33 15.62 22.95
C ASP A 350 -38.64 14.41 23.53
N LYS A 351 -38.85 14.20 24.83
CA LYS A 351 -38.26 13.08 25.55
C LYS A 351 -38.77 11.75 25.00
N HIS A 352 -40.07 11.70 24.69
CA HIS A 352 -40.71 10.49 24.17
C HIS A 352 -40.40 10.21 22.72
N LEU A 353 -39.25 10.69 22.27
CA LEU A 353 -38.82 10.46 20.91
C LEU A 353 -38.08 9.14 20.98
N ALA A 354 -38.22 8.29 19.97
CA ALA A 354 -37.50 7.03 19.99
C ALA A 354 -37.37 6.39 18.61
N ILE A 355 -36.47 5.40 18.49
CA ILE A 355 -36.24 4.70 17.23
C ILE A 355 -37.19 3.51 17.18
N ASP A 356 -38.21 3.59 16.35
CA ASP A 356 -39.17 2.50 16.28
C ASP A 356 -39.33 1.99 14.88
N SER A 357 -40.36 1.17 14.69
CA SER A 357 -40.67 0.56 13.41
C SER A 357 -41.24 1.55 12.40
N SER A 358 -41.35 2.81 12.79
CA SER A 358 -41.88 3.78 11.86
C SER A 358 -40.76 4.64 11.27
N ASN A 359 -39.61 4.67 11.94
CA ASN A 359 -38.52 5.50 11.45
C ASN A 359 -37.23 4.76 11.21
N TYR A 360 -37.27 3.43 11.23
CA TYR A 360 -36.04 2.65 11.09
C TYR A 360 -36.13 1.31 10.40
N GLU A 361 -35.31 1.12 9.39
CA GLU A 361 -35.25 -0.13 8.64
C GLU A 361 -33.79 -0.58 8.69
N GLN A 362 -33.58 -1.81 9.16
CA GLN A 362 -32.23 -2.36 9.25
C GLN A 362 -31.50 -2.38 7.92
N GLU A 363 -30.31 -1.78 7.92
CA GLU A 363 -29.41 -1.69 6.77
C GLU A 363 -29.06 -3.10 6.24
N SER A 364 -29.02 -3.23 4.92
CA SER A 364 -28.73 -4.52 4.28
C SER A 364 -27.48 -5.29 4.73
N LYS A 365 -26.37 -4.59 4.91
CA LYS A 365 -25.15 -5.25 5.29
C LYS A 365 -24.94 -5.54 6.77
N ILE A 366 -25.81 -5.03 7.63
CA ILE A 366 -25.63 -5.26 9.06
C ILE A 366 -25.23 -6.70 9.34
N MET A 367 -25.81 -7.64 8.60
CA MET A 367 -25.49 -9.04 8.77
C MET A 367 -23.97 -9.27 8.64
N PHE A 368 -23.38 -8.78 7.56
CA PHE A 368 -21.95 -8.93 7.31
C PHE A 368 -21.08 -8.35 8.42
N VAL A 369 -21.55 -7.27 9.02
CA VAL A 369 -20.81 -6.67 10.10
C VAL A 369 -20.69 -7.71 11.21
N VAL A 370 -21.85 -8.21 11.64
CA VAL A 370 -21.92 -9.19 12.73
C VAL A 370 -21.12 -10.45 12.48
N ASN A 371 -21.17 -10.97 11.27
CA ASN A 371 -20.40 -12.16 10.97
C ASN A 371 -18.92 -11.82 10.97
N ALA A 372 -18.59 -10.65 10.43
CA ALA A 372 -17.20 -10.21 10.37
C ALA A 372 -16.58 -10.31 11.74
N VAL A 373 -17.28 -9.77 12.73
CA VAL A 373 -16.82 -9.80 14.11
C VAL A 373 -16.78 -11.24 14.68
N TYR A 374 -17.88 -11.98 14.57
CA TYR A 374 -17.91 -13.34 15.09
C TYR A 374 -16.75 -14.12 14.51
N ALA A 375 -16.46 -13.91 13.23
CA ALA A 375 -15.34 -14.59 12.61
C ALA A 375 -14.13 -14.31 13.48
N MET A 376 -13.73 -13.04 13.53
CA MET A 376 -12.58 -12.62 14.33
C MET A 376 -12.58 -13.33 15.66
N ALA A 377 -13.75 -13.39 16.28
CA ALA A 377 -13.93 -14.03 17.59
C ALA A 377 -13.71 -15.53 17.56
N HIS A 378 -14.47 -16.22 16.71
CA HIS A 378 -14.28 -17.65 16.60
C HIS A 378 -12.79 -17.91 16.35
N ALA A 379 -12.18 -17.06 15.53
CA ALA A 379 -10.76 -17.21 15.23
C ALA A 379 -9.99 -17.16 16.54
N LEU A 380 -10.09 -16.06 17.26
CA LEU A 380 -9.38 -15.96 18.52
C LEU A 380 -9.77 -17.16 19.38
N HIS A 381 -11.07 -17.43 19.46
CA HIS A 381 -11.54 -18.56 20.28
C HIS A 381 -10.78 -19.85 20.01
N LYS A 382 -10.44 -20.12 18.76
CA LYS A 382 -9.72 -21.34 18.51
C LYS A 382 -8.34 -21.12 19.13
N MET A 383 -7.68 -20.04 18.73
CA MET A 383 -6.34 -19.77 19.25
C MET A 383 -6.31 -19.93 20.75
N GLN A 384 -7.40 -19.56 21.41
CA GLN A 384 -7.49 -19.70 22.85
C GLN A 384 -7.36 -21.17 23.24
N ARG A 385 -8.36 -21.99 22.88
CA ARG A 385 -8.32 -23.40 23.24
C ARG A 385 -7.09 -24.13 22.71
N THR A 386 -6.60 -23.75 21.54
CA THR A 386 -5.42 -24.41 21.00
C THR A 386 -4.16 -24.06 21.79
N LEU A 387 -3.89 -22.77 21.95
CA LEU A 387 -2.70 -22.34 22.68
C LEU A 387 -2.78 -22.54 24.17
N CYS A 388 -3.98 -22.60 24.72
CA CYS A 388 -4.13 -22.71 26.17
C CYS A 388 -5.17 -23.65 26.73
N PRO A 389 -4.87 -24.95 26.69
CA PRO A 389 -5.70 -26.06 27.16
C PRO A 389 -6.18 -25.99 28.61
N GLN A 390 -5.33 -25.49 29.49
CA GLN A 390 -5.64 -25.43 30.92
C GLN A 390 -6.82 -24.56 31.35
N THR A 391 -6.68 -23.25 31.16
CA THR A 391 -7.73 -22.30 31.53
C THR A 391 -8.64 -21.87 30.39
N THR A 392 -9.52 -20.92 30.71
CA THR A 392 -10.45 -20.35 29.75
C THR A 392 -10.05 -18.89 29.54
N LYS A 393 -9.07 -18.45 30.34
CA LYS A 393 -8.58 -17.09 30.27
C LYS A 393 -7.39 -16.91 29.33
N LEU A 394 -6.98 -15.67 29.14
CA LEU A 394 -5.88 -15.36 28.25
C LEU A 394 -4.59 -15.70 28.96
N CYS A 395 -3.97 -16.79 28.53
CA CYS A 395 -2.72 -17.35 29.07
C CYS A 395 -1.49 -16.62 28.57
N ASP A 396 -0.33 -17.16 28.94
CA ASP A 396 0.94 -16.58 28.55
C ASP A 396 1.23 -16.83 27.08
N ALA A 397 0.74 -17.96 26.56
CA ALA A 397 0.96 -18.28 25.15
C ALA A 397 0.41 -17.19 24.24
N MET A 398 -0.76 -16.68 24.59
CA MET A 398 -1.43 -15.64 23.82
C MET A 398 -1.23 -14.23 24.34
N LYS A 399 -0.41 -14.06 25.36
CA LYS A 399 -0.18 -12.72 25.89
C LYS A 399 0.08 -11.83 24.68
N ILE A 400 0.99 -12.26 23.82
CA ILE A 400 1.32 -11.52 22.60
C ILE A 400 0.99 -12.40 21.40
N LEU A 401 -0.07 -12.04 20.68
CA LEU A 401 -0.53 -12.82 19.52
C LEU A 401 0.44 -12.87 18.35
N ASP A 402 0.29 -13.90 17.53
CA ASP A 402 1.11 -14.09 16.34
C ASP A 402 0.19 -13.79 15.17
N GLY A 403 0.17 -12.53 14.75
CA GLY A 403 -0.71 -12.17 13.66
C GLY A 403 -0.79 -13.23 12.60
N LYS A 404 0.31 -13.39 11.86
CA LYS A 404 0.45 -14.34 10.76
C LYS A 404 -0.32 -15.63 11.07
N LYS A 405 -0.08 -16.15 12.27
CA LYS A 405 -0.72 -17.35 12.76
C LYS A 405 -2.22 -17.12 12.81
N LEU A 406 -2.66 -16.14 13.60
CA LEU A 406 -4.08 -15.88 13.72
C LEU A 406 -4.74 -15.78 12.36
N TYR A 407 -4.04 -15.18 11.40
CA TYR A 407 -4.61 -15.02 10.07
C TYR A 407 -4.72 -16.29 9.26
N LYS A 408 -3.86 -17.27 9.54
CA LYS A 408 -3.86 -18.60 8.86
C LYS A 408 -4.31 -19.68 9.87
N GLU A 409 -5.30 -19.29 10.68
CA GLU A 409 -5.94 -20.08 11.73
C GLU A 409 -7.30 -19.39 11.77
N TYR A 410 -7.44 -18.40 10.89
CA TYR A 410 -8.61 -17.57 10.70
C TYR A 410 -9.30 -17.87 9.38
N LEU A 411 -8.56 -17.74 8.29
CA LEU A 411 -9.11 -18.05 6.99
C LEU A 411 -9.77 -19.42 7.08
N LEU A 412 -9.02 -20.38 7.63
CA LEU A 412 -9.48 -21.76 7.79
C LEU A 412 -10.72 -21.86 8.66
N LYS A 413 -11.46 -20.76 8.82
CA LYS A 413 -12.63 -20.79 9.66
C LYS A 413 -13.92 -21.20 8.97
N ILE A 414 -14.84 -21.81 9.72
CA ILE A 414 -16.15 -22.24 9.23
C ILE A 414 -17.05 -22.30 10.48
N GLN A 415 -18.20 -21.62 10.47
CA GLN A 415 -19.12 -21.63 11.62
C GLN A 415 -20.53 -21.26 11.21
N PHE A 416 -21.53 -21.71 11.96
CA PHE A 416 -22.92 -21.37 11.67
C PHE A 416 -23.10 -19.91 12.08
N THR A 417 -23.54 -19.07 11.14
CA THR A 417 -23.75 -17.63 11.39
C THR A 417 -24.29 -17.40 12.77
N ALA A 418 -23.84 -16.33 13.44
CA ALA A 418 -24.27 -16.06 14.80
C ALA A 418 -25.77 -16.36 14.88
N PRO A 419 -26.11 -17.39 15.69
CA PRO A 419 -27.44 -17.95 16.00
C PRO A 419 -28.58 -16.97 15.84
N PHE A 420 -28.19 -15.74 15.54
CA PHE A 420 -29.11 -14.64 15.32
C PHE A 420 -29.85 -14.93 14.01
N ASN A 421 -29.48 -16.04 13.39
CA ASN A 421 -30.08 -16.50 12.14
C ASN A 421 -31.00 -17.70 12.37
N PRO A 422 -32.25 -17.62 11.86
CA PRO A 422 -33.23 -18.69 12.02
C PRO A 422 -32.85 -20.03 11.36
N ASN A 423 -32.81 -20.05 10.03
CA ASN A 423 -32.46 -21.28 9.30
C ASN A 423 -31.00 -21.65 9.45
N LYS A 424 -30.61 -22.74 8.79
CA LYS A 424 -29.23 -23.22 8.81
C LYS A 424 -28.96 -23.75 7.41
N GLY A 425 -30.04 -24.17 6.75
CA GLY A 425 -29.95 -24.71 5.41
C GLY A 425 -30.10 -23.67 4.33
N ALA A 426 -29.03 -22.92 4.12
CA ALA A 426 -28.98 -21.87 3.11
C ALA A 426 -27.52 -21.45 3.01
N ASP A 427 -26.65 -22.38 3.41
CA ASP A 427 -25.21 -22.14 3.39
C ASP A 427 -24.94 -20.89 4.22
N SER A 428 -25.77 -20.70 5.25
CA SER A 428 -25.65 -19.56 6.15
C SER A 428 -24.54 -19.88 7.12
N ILE A 429 -23.37 -20.16 6.58
CA ILE A 429 -22.22 -20.45 7.41
C ILE A 429 -21.12 -19.54 6.92
N VAL A 430 -20.45 -18.88 7.85
CA VAL A 430 -19.39 -17.98 7.46
C VAL A 430 -18.08 -18.74 7.25
N LYS A 431 -17.36 -18.36 6.21
CA LYS A 431 -16.07 -18.98 5.92
C LYS A 431 -15.42 -18.08 4.88
N PHE A 432 -14.20 -18.40 4.45
CA PHE A 432 -13.53 -17.57 3.45
C PHE A 432 -12.91 -18.40 2.33
N ASP A 433 -12.83 -17.82 1.13
CA ASP A 433 -12.23 -18.48 -0.04
C ASP A 433 -10.72 -18.55 0.13
N THR A 434 -10.05 -19.01 -0.92
CA THR A 434 -8.60 -19.09 -0.90
C THR A 434 -8.08 -17.69 -1.03
N PHE A 435 -9.00 -16.74 -1.18
CA PHE A 435 -8.68 -15.33 -1.31
C PHE A 435 -9.11 -14.51 -0.10
N GLY A 436 -9.88 -15.13 0.78
CA GLY A 436 -10.34 -14.42 1.96
C GLY A 436 -11.61 -13.64 1.69
N ASP A 437 -12.28 -13.91 0.59
CA ASP A 437 -13.52 -13.22 0.28
C ASP A 437 -14.71 -14.11 0.59
N GLY A 438 -15.91 -13.64 0.25
CA GLY A 438 -17.10 -14.40 0.54
C GLY A 438 -17.83 -14.93 -0.66
N MET A 439 -19.03 -15.44 -0.42
CA MET A 439 -19.88 -16.00 -1.47
C MET A 439 -20.60 -14.95 -2.31
N GLY A 440 -20.43 -15.03 -3.63
CA GLY A 440 -21.09 -14.08 -4.50
C GLY A 440 -22.59 -14.28 -4.71
N ARG A 441 -23.40 -13.91 -3.73
CA ARG A 441 -24.84 -14.03 -3.84
C ARG A 441 -25.43 -12.63 -3.84
N TYR A 442 -26.07 -12.19 -4.92
CA TYR A 442 -26.64 -10.86 -4.96
C TYR A 442 -28.13 -10.85 -5.23
N ASN A 443 -28.82 -9.83 -4.73
CA ASN A 443 -30.25 -9.69 -4.94
C ASN A 443 -30.54 -8.56 -5.92
N VAL A 444 -31.44 -8.81 -6.86
CA VAL A 444 -31.80 -7.82 -7.86
C VAL A 444 -33.01 -7.03 -7.38
N PHE A 445 -32.92 -5.70 -7.48
CA PHE A 445 -33.99 -4.84 -7.02
C PHE A 445 -34.57 -3.91 -8.04
N ASN A 446 -35.84 -3.55 -7.81
CA ASN A 446 -36.59 -2.64 -8.67
C ASN A 446 -37.14 -1.53 -7.77
N LEU A 447 -36.85 -0.27 -8.12
CA LEU A 447 -37.33 0.85 -7.33
C LEU A 447 -38.70 1.27 -7.80
N GLN A 448 -39.73 0.99 -7.01
CA GLN A 448 -41.09 1.34 -7.38
C GLN A 448 -41.93 1.98 -6.29
N GLN A 449 -42.96 2.70 -6.73
CA GLN A 449 -43.90 3.39 -5.84
C GLN A 449 -45.32 3.02 -6.26
N THR A 450 -46.14 2.65 -5.28
CA THR A 450 -47.52 2.28 -5.57
C THR A 450 -48.53 3.18 -4.85
N GLY A 451 -48.23 3.50 -3.59
CA GLY A 451 -49.13 4.35 -2.82
C GLY A 451 -48.50 5.63 -2.33
N GLY A 452 -48.17 6.53 -3.26
CA GLY A 452 -47.57 7.79 -2.88
C GLY A 452 -46.24 7.65 -2.17
N LYS A 453 -45.81 6.41 -1.95
CA LYS A 453 -44.53 6.15 -1.27
C LYS A 453 -43.61 5.24 -2.07
N TYR A 454 -42.33 5.65 -2.13
CA TYR A 454 -41.27 4.93 -2.85
C TYR A 454 -40.63 3.83 -2.01
N SER A 455 -40.48 2.65 -2.59
CA SER A 455 -39.89 1.52 -1.90
C SER A 455 -39.10 0.62 -2.86
N TYR A 456 -38.29 -0.28 -2.30
CA TYR A 456 -37.53 -1.18 -3.15
C TYR A 456 -38.13 -2.58 -3.10
N LEU A 457 -38.43 -3.16 -4.25
CA LEU A 457 -38.98 -4.51 -4.28
C LEU A 457 -37.99 -5.54 -4.83
N LYS A 458 -37.78 -6.60 -4.07
CA LYS A 458 -36.88 -7.64 -4.51
C LYS A 458 -37.53 -8.30 -5.70
N VAL A 459 -36.80 -8.37 -6.82
CA VAL A 459 -37.35 -9.00 -8.00
C VAL A 459 -36.33 -9.90 -8.67
N GLY A 460 -35.88 -10.93 -7.95
CA GLY A 460 -34.90 -11.84 -8.50
C GLY A 460 -33.54 -11.69 -7.86
N HIS A 461 -32.62 -12.58 -8.18
CA HIS A 461 -31.29 -12.53 -7.58
C HIS A 461 -30.28 -13.17 -8.53
N TRP A 462 -29.06 -13.29 -8.04
CA TRP A 462 -28.03 -13.88 -8.86
C TRP A 462 -27.14 -14.85 -8.06
N ALA A 463 -27.20 -16.13 -8.42
CA ALA A 463 -26.45 -17.19 -7.75
C ALA A 463 -25.16 -17.48 -8.51
N GLU A 464 -25.28 -17.58 -9.83
CA GLU A 464 -24.10 -17.82 -10.67
C GLU A 464 -24.72 -17.70 -12.04
N THR A 465 -26.03 -17.46 -11.97
CA THR A 465 -26.90 -17.30 -13.13
C THR A 465 -27.99 -16.39 -12.66
N LEU A 466 -28.43 -15.53 -13.56
CA LEU A 466 -29.48 -14.59 -13.21
C LEU A 466 -30.80 -15.31 -12.88
N SER A 467 -31.76 -14.51 -12.50
CA SER A 467 -33.05 -15.00 -12.13
C SER A 467 -33.82 -13.73 -11.79
N LEU A 468 -35.13 -13.70 -12.07
CA LEU A 468 -35.97 -12.50 -11.78
C LEU A 468 -37.38 -12.66 -12.36
N ASP A 469 -38.42 -12.36 -11.57
CA ASP A 469 -39.75 -12.59 -12.14
C ASP A 469 -40.30 -11.51 -13.08
N VAL A 470 -39.36 -10.93 -13.83
CA VAL A 470 -39.60 -9.93 -14.87
C VAL A 470 -40.93 -9.17 -14.81
N ASP A 471 -42.01 -9.90 -15.01
CA ASP A 471 -43.36 -9.35 -14.95
C ASP A 471 -43.63 -8.81 -13.56
N SER A 472 -42.52 -8.56 -12.86
CA SER A 472 -42.50 -8.06 -11.51
C SER A 472 -42.04 -6.59 -11.54
N ILE A 473 -41.15 -6.32 -12.49
CA ILE A 473 -40.56 -5.02 -12.69
C ILE A 473 -41.50 -3.91 -13.21
N HIS A 474 -41.46 -2.76 -12.54
CA HIS A 474 -42.24 -1.61 -12.95
C HIS A 474 -41.20 -0.71 -13.61
N TRP A 475 -41.31 -0.45 -14.90
CA TRP A 475 -40.29 0.42 -15.51
C TRP A 475 -40.68 1.91 -15.55
N SER A 476 -39.70 2.75 -15.90
CA SER A 476 -39.96 4.19 -16.06
C SER A 476 -40.76 4.25 -17.39
N ARG A 477 -41.83 5.07 -17.42
CA ARG A 477 -42.66 5.14 -18.65
C ARG A 477 -43.34 3.74 -18.74
N ASN A 478 -43.47 3.15 -17.54
CA ASN A 478 -44.13 1.85 -17.33
C ASN A 478 -44.06 0.97 -18.59
N SER A 479 -42.85 0.87 -19.12
CA SER A 479 -42.68 0.05 -20.29
C SER A 479 -41.27 -0.56 -20.22
N VAL A 480 -41.19 -1.88 -20.51
CA VAL A 480 -39.88 -2.55 -20.54
C VAL A 480 -39.02 -1.77 -21.57
N PRO A 481 -38.03 -1.04 -21.05
CA PRO A 481 -37.06 -0.20 -21.78
C PRO A 481 -36.33 -0.92 -22.90
N THR A 482 -35.61 -0.13 -23.69
CA THR A 482 -34.84 -0.61 -24.84
C THR A 482 -33.58 0.26 -25.02
N SER A 483 -32.41 -0.38 -25.00
CA SER A 483 -31.19 0.37 -25.16
C SER A 483 -30.27 -0.29 -26.17
N GLN A 484 -30.38 0.16 -27.41
CA GLN A 484 -29.58 -0.35 -28.52
C GLN A 484 -28.95 0.81 -29.28
N CYS A 485 -28.01 0.50 -30.17
CA CYS A 485 -27.33 1.54 -30.92
C CYS A 485 -28.17 2.16 -32.04
N SER A 486 -28.56 1.34 -33.02
CA SER A 486 -29.35 1.81 -34.16
C SER A 486 -30.75 1.19 -34.16
N ASP A 487 -31.71 1.90 -34.75
CA ASP A 487 -33.09 1.44 -34.82
C ASP A 487 -33.24 0.16 -35.63
N PRO A 488 -34.37 -0.55 -35.48
CA PRO A 488 -34.61 -1.79 -36.22
C PRO A 488 -34.96 -1.52 -37.68
N CYS A 489 -34.61 -2.44 -38.57
CA CYS A 489 -34.89 -2.25 -39.99
C CYS A 489 -36.34 -2.47 -40.37
N ALA A 490 -36.69 -1.96 -41.55
CA ALA A 490 -38.03 -2.07 -42.10
C ALA A 490 -38.13 -3.40 -42.85
N PRO A 491 -38.98 -4.32 -42.37
CA PRO A 491 -39.07 -5.59 -43.11
C PRO A 491 -39.39 -5.26 -44.54
N ASN A 492 -40.53 -4.59 -44.72
CA ASN A 492 -41.03 -4.16 -46.01
C ASN A 492 -39.92 -3.93 -47.03
N GLU A 493 -38.79 -3.38 -46.55
CA GLU A 493 -37.67 -3.11 -47.44
C GLU A 493 -36.31 -3.54 -46.85
N MET A 494 -35.69 -2.58 -46.17
CA MET A 494 -34.37 -2.68 -45.54
C MET A 494 -33.76 -4.02 -45.14
N LYS A 495 -32.43 -3.99 -45.00
CA LYS A 495 -31.60 -5.14 -44.62
C LYS A 495 -30.61 -4.63 -43.58
N ASN A 496 -30.23 -5.48 -42.64
CA ASN A 496 -29.30 -5.09 -41.58
C ASN A 496 -27.86 -5.01 -42.14
N MET A 497 -27.18 -3.90 -41.90
CA MET A 497 -25.80 -3.74 -42.37
C MET A 497 -24.84 -3.39 -41.23
N GLN A 498 -23.77 -4.17 -41.08
CA GLN A 498 -22.77 -3.96 -40.01
C GLN A 498 -21.43 -3.35 -40.50
N PRO A 499 -21.08 -2.13 -40.02
CA PRO A 499 -19.84 -1.44 -40.39
C PRO A 499 -18.55 -1.91 -39.69
N GLY A 500 -18.40 -1.58 -38.42
CA GLY A 500 -17.21 -1.97 -37.68
C GLY A 500 -17.47 -2.73 -36.39
N ASP A 501 -18.27 -2.12 -35.50
CA ASP A 501 -18.59 -2.76 -34.23
C ASP A 501 -19.61 -3.88 -34.36
N VAL A 502 -20.34 -4.18 -33.28
CA VAL A 502 -21.34 -5.24 -33.31
C VAL A 502 -22.71 -4.86 -32.76
N CYS A 503 -22.90 -3.59 -32.45
CA CYS A 503 -24.19 -3.13 -31.93
C CYS A 503 -24.79 -2.09 -32.86
N CYS A 504 -23.91 -1.36 -33.53
CA CYS A 504 -24.33 -0.31 -34.45
C CYS A 504 -24.39 -0.77 -35.89
N TRP A 505 -25.55 -0.56 -36.51
CA TRP A 505 -25.77 -0.97 -37.89
C TRP A 505 -26.52 0.08 -38.68
N ILE A 506 -26.62 -0.14 -39.99
CA ILE A 506 -27.35 0.77 -40.89
C ILE A 506 -28.40 -0.03 -41.66
N CYS A 507 -29.57 0.56 -41.87
CA CYS A 507 -30.64 -0.11 -42.59
C CYS A 507 -30.73 0.34 -44.05
N ILE A 508 -30.33 -0.58 -44.92
CA ILE A 508 -30.33 -0.38 -46.36
C ILE A 508 -31.58 -1.00 -46.92
N PRO A 509 -32.37 -0.23 -47.68
CA PRO A 509 -33.61 -0.79 -48.27
C PRO A 509 -33.22 -1.60 -49.51
N CYS A 510 -34.08 -2.50 -49.95
CA CYS A 510 -33.73 -3.29 -51.12
C CYS A 510 -34.43 -2.95 -52.41
N GLU A 511 -33.98 -3.61 -53.47
CA GLU A 511 -34.60 -3.36 -54.75
C GLU A 511 -35.84 -4.21 -54.81
N PRO A 512 -36.97 -3.57 -55.11
CA PRO A 512 -38.27 -4.26 -55.20
C PRO A 512 -38.18 -5.63 -55.86
N TYR A 513 -37.06 -5.90 -56.51
CA TYR A 513 -36.88 -7.18 -57.17
C TYR A 513 -36.03 -8.22 -56.44
N GLU A 514 -35.58 -7.92 -55.22
CA GLU A 514 -34.74 -8.84 -54.44
C GLU A 514 -35.25 -9.12 -53.04
N TYR A 515 -35.09 -10.36 -52.58
CA TYR A 515 -35.53 -10.71 -51.23
C TYR A 515 -34.33 -10.62 -50.28
N LEU A 516 -34.41 -11.29 -49.13
CA LEU A 516 -33.28 -11.25 -48.19
C LEU A 516 -32.92 -12.67 -47.76
N VAL A 517 -31.81 -13.18 -48.26
CA VAL A 517 -31.38 -14.53 -47.86
C VAL A 517 -31.43 -14.55 -46.34
N ASP A 518 -31.21 -13.39 -45.73
CA ASP A 518 -31.24 -13.25 -44.28
C ASP A 518 -31.42 -11.79 -43.86
N GLU A 519 -31.44 -11.56 -42.56
CA GLU A 519 -31.61 -10.22 -42.03
C GLU A 519 -30.66 -9.20 -42.67
N PHE A 520 -29.39 -9.58 -42.81
CA PHE A 520 -28.36 -8.69 -43.34
C PHE A 520 -28.14 -8.72 -44.85
N THR A 521 -28.52 -9.81 -45.48
CA THR A 521 -28.28 -9.93 -46.91
C THR A 521 -29.49 -9.79 -47.82
N CYS A 522 -29.49 -8.72 -48.63
CA CYS A 522 -30.58 -8.55 -49.57
C CYS A 522 -30.17 -9.21 -50.85
N MET A 523 -30.78 -10.34 -51.18
CA MET A 523 -30.43 -11.06 -52.40
C MET A 523 -31.48 -10.91 -53.51
N ASP A 524 -30.96 -10.71 -54.72
CA ASP A 524 -31.80 -10.53 -55.89
C ASP A 524 -32.51 -11.80 -56.31
N CYS A 525 -33.77 -11.63 -56.70
CA CYS A 525 -34.58 -12.76 -57.16
C CYS A 525 -34.11 -13.15 -58.57
N GLY A 526 -34.00 -12.17 -59.45
CA GLY A 526 -33.50 -12.47 -60.78
C GLY A 526 -34.37 -12.20 -61.99
N PRO A 527 -34.26 -13.07 -63.01
CA PRO A 527 -34.99 -13.02 -64.27
C PRO A 527 -36.41 -13.60 -64.21
N GLY A 528 -37.36 -12.84 -64.72
CA GLY A 528 -38.75 -13.29 -64.74
C GLY A 528 -39.29 -13.70 -63.38
N GLN A 529 -38.88 -12.99 -62.34
CA GLN A 529 -39.34 -13.30 -60.99
C GLN A 529 -39.52 -12.05 -60.14
N TRP A 530 -40.16 -12.22 -58.99
CA TRP A 530 -40.42 -11.11 -58.08
C TRP A 530 -40.37 -11.65 -56.66
N PRO A 531 -39.94 -10.84 -55.68
CA PRO A 531 -39.86 -11.25 -54.28
C PRO A 531 -41.21 -11.17 -53.59
N THR A 532 -41.55 -12.19 -52.81
CA THR A 532 -42.83 -12.22 -52.09
C THR A 532 -43.06 -10.93 -51.30
N ALA A 533 -44.30 -10.74 -50.84
CA ALA A 533 -44.67 -9.54 -50.10
C ALA A 533 -43.82 -9.27 -48.87
N ASP A 534 -43.63 -10.30 -48.05
CA ASP A 534 -42.85 -10.23 -46.83
C ASP A 534 -41.34 -10.20 -47.14
N LEU A 535 -40.99 -10.49 -48.39
CA LEU A 535 -39.60 -10.51 -48.85
C LEU A 535 -38.82 -11.73 -48.32
N SER A 536 -39.42 -12.90 -48.45
CA SER A 536 -38.78 -14.13 -48.01
C SER A 536 -38.52 -15.09 -49.17
N GLY A 537 -39.08 -14.76 -50.34
CA GLY A 537 -38.92 -15.61 -51.51
C GLY A 537 -39.30 -14.94 -52.82
N CYS A 538 -39.30 -15.72 -53.90
CA CYS A 538 -39.63 -15.18 -55.22
C CYS A 538 -40.75 -15.95 -55.92
N TYR A 539 -41.75 -15.21 -56.42
CA TYR A 539 -42.88 -15.82 -57.11
C TYR A 539 -42.85 -15.63 -58.60
N ASN A 540 -42.64 -16.74 -59.30
CA ASN A 540 -42.57 -16.79 -60.75
C ASN A 540 -43.70 -16.02 -61.43
N LEU A 541 -43.33 -14.96 -62.14
CA LEU A 541 -44.29 -14.11 -62.85
C LEU A 541 -44.59 -14.63 -64.26
N PRO A 542 -45.85 -14.48 -64.71
CA PRO A 542 -46.31 -14.91 -66.04
C PRO A 542 -45.97 -13.90 -67.15
N GLU A 543 -47.00 -13.28 -67.73
CA GLU A 543 -46.83 -12.30 -68.80
C GLU A 543 -46.31 -12.94 -70.09
N ARG B 6 15.71 5.16 24.22
CA ARG B 6 15.08 5.81 23.03
C ARG B 6 15.67 7.20 22.73
N ARG B 7 16.66 7.23 21.84
CA ARG B 7 17.32 8.48 21.46
C ARG B 7 17.05 8.88 20.02
N GLU B 8 16.73 10.16 19.85
CA GLU B 8 16.44 10.72 18.55
C GLU B 8 17.18 12.05 18.43
N ILE B 9 16.99 12.75 17.33
CA ILE B 9 17.60 14.05 17.14
C ILE B 9 16.55 14.99 16.60
N LYS B 10 16.31 16.06 17.35
CA LYS B 10 15.31 17.04 16.94
C LYS B 10 15.87 18.45 16.85
N ILE B 11 15.94 18.96 15.64
CA ILE B 11 16.41 20.30 15.37
C ILE B 11 15.20 20.95 14.71
N GLU B 12 14.57 21.92 15.37
CA GLU B 12 13.40 22.53 14.76
C GLU B 12 13.80 23.33 13.52
N GLY B 13 12.83 23.55 12.63
CA GLY B 13 13.07 24.30 11.39
C GLY B 13 11.79 24.69 10.69
N ASP B 14 11.91 25.49 9.63
CA ASP B 14 10.76 25.92 8.84
C ASP B 14 10.24 24.76 8.00
N LEU B 15 11.11 23.78 7.78
CA LEU B 15 10.81 22.59 7.00
C LEU B 15 11.69 21.51 7.58
N VAL B 16 11.14 20.32 7.80
CA VAL B 16 11.97 19.26 8.38
C VAL B 16 12.19 18.00 7.54
N LEU B 17 13.36 17.40 7.71
CA LEU B 17 13.72 16.18 6.99
C LEU B 17 13.93 15.05 7.96
N GLY B 18 13.31 13.90 7.70
CA GLY B 18 13.51 12.79 8.60
C GLY B 18 14.86 12.17 8.27
N GLY B 19 15.39 11.38 9.19
CA GLY B 19 16.67 10.74 8.95
C GLY B 19 16.74 9.34 9.52
N LEU B 20 17.22 8.41 8.72
CA LEU B 20 17.35 7.03 9.17
C LEU B 20 18.76 6.50 8.94
N PHE B 21 19.43 6.13 10.03
CA PHE B 21 20.79 5.62 9.94
C PHE B 21 21.00 4.46 10.89
N PRO B 22 21.75 3.46 10.45
CA PRO B 22 22.06 2.26 11.22
C PRO B 22 23.15 2.64 12.22
N ILE B 23 22.83 3.58 13.09
CA ILE B 23 23.77 4.06 14.08
C ILE B 23 24.26 2.93 14.95
N ASN B 24 23.39 2.00 15.30
CA ASN B 24 23.81 0.87 16.11
C ASN B 24 23.67 -0.43 15.31
N GLU B 25 24.54 -1.37 15.59
CA GLU B 25 24.50 -2.66 14.89
C GLU B 25 23.29 -3.42 15.39
N LYS B 26 22.90 -4.46 14.66
CA LYS B 26 21.76 -5.27 15.05
C LYS B 26 22.12 -5.94 16.38
N GLY B 27 21.34 -5.68 17.43
CA GLY B 27 21.63 -6.30 18.72
C GLY B 27 21.24 -7.77 18.76
N THR B 28 22.03 -8.59 19.45
CA THR B 28 21.77 -10.03 19.57
C THR B 28 20.96 -10.37 20.81
N GLY B 29 20.13 -11.40 20.70
CA GLY B 29 19.31 -11.79 21.82
C GLY B 29 18.04 -10.98 21.87
N THR B 30 17.45 -10.87 23.06
CA THR B 30 16.21 -10.12 23.24
C THR B 30 16.39 -8.64 22.88
N GLU B 31 17.57 -8.10 23.19
CA GLU B 31 17.85 -6.70 22.88
C GLU B 31 17.80 -6.47 21.37
N GLU B 32 17.75 -5.20 20.97
CA GLU B 32 17.66 -4.86 19.55
C GLU B 32 18.87 -4.11 19.02
N CYS B 33 19.46 -3.25 19.84
CA CYS B 33 20.61 -2.48 19.38
C CYS B 33 21.93 -2.88 20.03
N GLY B 34 22.87 -3.33 19.22
CA GLY B 34 24.18 -3.74 19.71
C GLY B 34 25.21 -2.63 19.77
N ARG B 35 26.42 -2.92 19.32
CA ARG B 35 27.49 -1.92 19.32
C ARG B 35 27.30 -0.81 18.28
N ILE B 36 27.91 0.33 18.52
CA ILE B 36 27.82 1.46 17.60
C ILE B 36 28.44 1.12 16.25
N ASN B 37 27.74 1.46 15.18
CA ASN B 37 28.28 1.24 13.87
C ASN B 37 29.11 2.52 13.76
N GLU B 38 30.43 2.39 13.71
CA GLU B 38 31.28 3.58 13.65
C GLU B 38 31.30 4.34 12.33
N ASP B 39 31.79 3.69 11.27
CA ASP B 39 31.89 4.35 10.00
C ASP B 39 30.62 4.48 9.15
N ARG B 40 29.78 3.46 9.10
CA ARG B 40 28.55 3.60 8.32
C ARG B 40 27.38 4.14 9.12
N GLY B 41 27.54 4.19 10.44
CA GLY B 41 26.48 4.69 11.29
C GLY B 41 26.76 6.13 11.66
N ILE B 42 27.64 6.32 12.64
CA ILE B 42 28.01 7.64 13.12
C ILE B 42 28.47 8.65 12.06
N GLN B 43 29.31 8.22 11.13
CA GLN B 43 29.79 9.13 10.10
C GLN B 43 28.63 9.59 9.23
N ARG B 44 28.01 8.64 8.53
CA ARG B 44 26.89 8.97 7.67
C ARG B 44 25.89 9.88 8.37
N LEU B 45 25.64 9.62 9.65
CA LEU B 45 24.71 10.43 10.41
C LEU B 45 25.23 11.86 10.36
N GLU B 46 26.40 12.06 10.94
CA GLU B 46 26.99 13.38 10.95
C GLU B 46 26.92 14.00 9.56
N ALA B 47 27.28 13.23 8.55
CA ALA B 47 27.27 13.74 7.19
C ALA B 47 25.97 14.45 6.87
N MET B 48 24.85 13.94 7.40
CA MET B 48 23.58 14.58 7.13
C MET B 48 23.49 15.87 7.89
N LEU B 49 23.92 15.84 9.16
CA LEU B 49 23.91 17.04 9.97
C LEU B 49 24.76 18.07 9.24
N PHE B 50 25.94 17.66 8.82
CA PHE B 50 26.86 18.51 8.09
C PHE B 50 26.17 19.16 6.92
N ALA B 51 25.59 18.33 6.05
CA ALA B 51 24.90 18.81 4.84
C ALA B 51 23.81 19.83 5.20
N ILE B 52 23.04 19.54 6.24
CA ILE B 52 22.00 20.45 6.69
C ILE B 52 22.69 21.75 7.06
N ASP B 53 23.60 21.67 8.04
CA ASP B 53 24.38 22.81 8.50
C ASP B 53 24.76 23.66 7.32
N GLU B 54 25.30 23.01 6.30
CA GLU B 54 25.75 23.68 5.09
C GLU B 54 24.62 24.34 4.32
N ILE B 55 23.52 23.63 4.17
CA ILE B 55 22.39 24.16 3.43
C ILE B 55 21.79 25.37 4.14
N ASN B 56 22.03 25.45 5.45
CA ASN B 56 21.53 26.58 6.22
C ASN B 56 22.50 27.76 6.14
N LYS B 57 23.79 27.46 6.01
CA LYS B 57 24.79 28.51 5.92
C LYS B 57 24.78 29.05 4.48
N ASP B 58 24.18 28.28 3.57
CA ASP B 58 24.08 28.68 2.17
C ASP B 58 23.03 29.75 1.92
N ASN B 59 23.31 30.64 0.98
CA ASN B 59 22.43 31.75 0.62
C ASN B 59 21.66 31.53 -0.67
N TYR B 60 22.21 30.77 -1.61
CA TYR B 60 21.55 30.54 -2.90
C TYR B 60 20.69 29.28 -3.01
N LEU B 61 20.48 28.62 -1.87
CA LEU B 61 19.67 27.42 -1.80
C LEU B 61 18.92 27.42 -0.49
N LEU B 62 17.59 27.52 -0.58
CA LEU B 62 16.73 27.54 0.60
C LEU B 62 17.33 28.42 1.70
N PRO B 63 17.04 29.72 1.62
CA PRO B 63 17.50 30.76 2.54
C PRO B 63 16.47 31.09 3.62
N GLY B 64 15.25 31.43 3.19
CA GLY B 64 14.20 31.77 4.12
C GLY B 64 13.47 30.55 4.68
N VAL B 65 14.04 29.38 4.43
CA VAL B 65 13.47 28.13 4.91
C VAL B 65 14.54 27.29 5.59
N LYS B 66 14.72 27.50 6.89
CA LYS B 66 15.72 26.75 7.66
C LYS B 66 15.33 25.28 7.63
N LEU B 67 16.29 24.40 7.41
CA LEU B 67 16.00 22.97 7.38
C LEU B 67 16.24 22.29 8.70
N GLY B 68 15.15 21.76 9.28
CA GLY B 68 15.25 21.05 10.53
C GLY B 68 15.37 19.56 10.25
N VAL B 69 15.85 18.80 11.21
CA VAL B 69 15.98 17.38 10.98
C VAL B 69 15.47 16.59 12.16
N HIS B 70 15.02 15.37 11.89
CA HIS B 70 14.53 14.48 12.91
C HIS B 70 15.16 13.18 12.49
N ILE B 71 16.26 12.85 13.14
CA ILE B 71 16.98 11.64 12.81
C ILE B 71 16.77 10.52 13.81
N LEU B 72 16.60 9.30 13.30
CA LEU B 72 16.37 8.13 14.16
C LEU B 72 17.31 6.98 13.81
N ASP B 73 17.76 6.25 14.84
CA ASP B 73 18.65 5.11 14.62
C ASP B 73 17.80 3.95 14.15
N THR B 74 18.32 3.14 13.23
CA THR B 74 17.56 1.99 12.74
C THR B 74 18.09 0.69 13.29
N CYS B 75 19.10 0.77 14.15
CA CYS B 75 19.70 -0.43 14.74
C CYS B 75 19.79 -1.57 13.76
N SER B 76 20.17 -1.25 12.53
CA SER B 76 20.36 -2.22 11.46
C SER B 76 19.22 -3.19 11.20
N ARG B 77 18.14 -3.10 11.95
CA ARG B 77 17.04 -4.02 11.75
C ARG B 77 15.88 -3.35 11.04
N ASP B 78 15.28 -4.03 10.08
CA ASP B 78 14.15 -3.45 9.36
C ASP B 78 12.95 -3.21 10.28
N THR B 79 12.44 -4.28 10.89
CA THR B 79 11.29 -4.17 11.78
C THR B 79 11.44 -3.04 12.77
N TYR B 80 12.68 -2.70 13.10
CA TYR B 80 12.94 -1.64 14.06
C TYR B 80 12.84 -0.27 13.42
N ALA B 81 13.53 -0.09 12.31
CA ALA B 81 13.49 1.17 11.61
C ALA B 81 12.03 1.46 11.28
N LEU B 82 11.34 0.42 10.86
CA LEU B 82 9.92 0.53 10.52
C LEU B 82 9.16 1.17 11.66
N GLU B 83 9.30 0.59 12.84
CA GLU B 83 8.63 1.12 14.01
C GLU B 83 9.03 2.58 14.18
N GLN B 84 10.33 2.85 14.11
CA GLN B 84 10.84 4.21 14.27
C GLN B 84 10.15 5.12 13.26
N SER B 85 10.22 4.73 11.99
CA SER B 85 9.64 5.47 10.87
C SER B 85 8.20 5.87 11.13
N LEU B 86 7.54 5.12 11.99
CA LEU B 86 6.17 5.42 12.33
C LEU B 86 6.17 6.84 12.88
N GLU B 87 7.32 7.22 13.41
CA GLU B 87 7.50 8.55 13.97
C GLU B 87 7.21 9.62 12.91
N PHE B 88 7.65 9.40 11.67
CA PHE B 88 7.42 10.39 10.64
C PHE B 88 6.00 10.50 10.09
N VAL B 89 5.32 9.37 9.86
CA VAL B 89 3.96 9.44 9.31
C VAL B 89 3.05 10.01 10.37
N ARG B 90 3.36 9.71 11.63
CA ARG B 90 2.58 10.22 12.75
C ARG B 90 2.84 11.72 12.84
N ALA B 91 3.97 12.13 12.30
CA ALA B 91 4.40 13.52 12.30
C ALA B 91 3.73 14.40 11.23
N SER B 92 2.76 13.85 10.51
CA SER B 92 2.08 14.63 9.48
C SER B 92 0.81 15.28 10.03
N LEU B 93 0.35 14.79 11.18
CA LEU B 93 -0.86 15.31 11.81
C LEU B 93 -0.63 16.69 12.43
N ILE B 114 5.05 19.05 19.61
CA ILE B 114 5.95 17.91 19.72
C ILE B 114 6.14 17.20 18.37
N PRO B 115 5.07 17.06 17.57
CA PRO B 115 5.20 16.39 16.28
C PRO B 115 5.86 17.30 15.24
N LEU B 116 6.74 16.72 14.43
CA LEU B 116 7.46 17.48 13.39
C LEU B 116 6.98 17.26 11.95
N LEU B 117 6.52 18.33 11.31
CA LEU B 117 6.06 18.25 9.94
C LEU B 117 7.19 17.83 9.01
N ILE B 118 7.23 16.54 8.68
CA ILE B 118 8.26 15.99 7.79
C ILE B 118 8.01 16.31 6.32
N ALA B 119 9.07 16.73 5.63
CA ALA B 119 8.95 17.06 4.22
C ALA B 119 9.41 15.88 3.39
N GLY B 120 10.46 15.22 3.85
CA GLY B 120 11.00 14.07 3.15
C GLY B 120 11.92 13.30 4.06
N VAL B 121 12.07 12.02 3.83
CA VAL B 121 12.95 11.20 4.67
C VAL B 121 14.18 10.85 3.89
N ILE B 122 15.32 11.16 4.50
CA ILE B 122 16.63 10.86 3.92
C ILE B 122 17.05 9.59 4.65
N GLY B 123 16.99 8.44 3.97
CA GLY B 123 17.37 7.25 4.68
C GLY B 123 17.15 5.90 4.07
N GLY B 124 17.68 4.94 4.80
CA GLY B 124 17.63 3.55 4.41
C GLY B 124 19.03 3.14 4.00
N SER B 125 19.82 2.64 4.95
CA SER B 125 21.16 2.21 4.59
C SER B 125 21.00 0.82 3.97
N TYR B 126 20.63 -0.16 4.79
CA TYR B 126 20.43 -1.51 4.26
C TYR B 126 19.16 -1.53 3.39
N SER B 127 19.23 -2.19 2.23
CA SER B 127 18.06 -2.26 1.37
C SER B 127 16.89 -2.79 2.17
N SER B 128 17.18 -3.83 2.95
CA SER B 128 16.22 -4.51 3.81
C SER B 128 15.27 -3.53 4.51
N VAL B 129 15.82 -2.47 5.08
CA VAL B 129 15.03 -1.47 5.79
C VAL B 129 14.47 -0.36 4.89
N SER B 130 15.17 -0.03 3.82
CA SER B 130 14.64 1.00 2.97
C SER B 130 13.29 0.56 2.44
N ILE B 131 13.19 -0.70 2.02
CA ILE B 131 11.93 -1.21 1.50
C ILE B 131 10.89 -1.17 2.61
N GLN B 132 11.10 -1.93 3.67
CA GLN B 132 10.16 -1.97 4.79
C GLN B 132 9.67 -0.60 5.17
N VAL B 133 10.50 0.40 4.96
CA VAL B 133 10.14 1.76 5.29
C VAL B 133 9.35 2.38 4.16
N ALA B 134 9.82 2.18 2.93
CA ALA B 134 9.12 2.72 1.78
C ALA B 134 7.67 2.29 1.85
N ASN B 135 7.45 1.04 2.22
CA ASN B 135 6.10 0.53 2.29
C ASN B 135 5.16 1.36 3.18
N LEU B 136 5.73 2.17 4.06
CA LEU B 136 4.92 2.97 4.97
C LEU B 136 4.78 4.44 4.56
N LEU B 137 5.86 5.04 4.06
CA LEU B 137 5.86 6.44 3.64
C LEU B 137 4.93 6.70 2.46
N ARG B 138 4.80 5.73 1.58
CA ARG B 138 3.93 5.89 0.43
C ARG B 138 2.50 6.07 0.95
N LEU B 139 2.15 5.31 1.98
CA LEU B 139 0.82 5.41 2.54
C LEU B 139 0.54 6.81 3.03
N PHE B 140 1.58 7.62 3.16
CA PHE B 140 1.39 8.98 3.64
C PHE B 140 2.07 9.98 2.75
N GLN B 141 2.30 9.58 1.51
CA GLN B 141 2.93 10.47 0.52
C GLN B 141 4.13 11.27 1.02
N ILE B 142 5.17 10.59 1.45
CA ILE B 142 6.38 11.24 1.94
C ILE B 142 7.55 10.81 1.09
N PRO B 143 8.20 11.74 0.41
CA PRO B 143 9.34 11.36 -0.43
C PRO B 143 10.56 10.81 0.36
N GLN B 144 11.05 9.64 -0.04
CA GLN B 144 12.17 8.97 0.60
C GLN B 144 13.34 8.95 -0.36
N ILE B 145 14.55 9.06 0.18
CA ILE B 145 15.76 9.05 -0.66
C ILE B 145 16.83 8.27 0.05
N SER B 146 17.30 7.18 -0.55
CA SER B 146 18.34 6.42 0.08
C SER B 146 19.70 6.78 -0.47
N TYR B 147 20.68 6.79 0.43
CA TYR B 147 22.06 7.11 0.09
C TYR B 147 22.88 5.82 0.00
N ALA B 148 22.23 4.67 0.06
CA ALA B 148 22.97 3.43 0.01
C ALA B 148 22.20 2.16 -0.38
N SER B 149 20.91 2.06 -0.06
CA SER B 149 20.18 0.86 -0.42
C SER B 149 20.30 0.64 -1.92
N THR B 150 20.69 -0.57 -2.31
CA THR B 150 20.88 -0.87 -3.72
C THR B 150 20.03 -1.97 -4.35
N SER B 151 19.21 -2.67 -3.55
CA SER B 151 18.38 -3.73 -4.11
C SER B 151 17.62 -3.34 -5.37
N ALA B 152 17.69 -4.18 -6.39
CA ALA B 152 17.00 -3.92 -7.63
C ALA B 152 15.51 -3.86 -7.38
N LYS B 153 15.06 -4.51 -6.33
CA LYS B 153 13.64 -4.53 -6.01
C LYS B 153 13.07 -3.12 -5.95
N LEU B 154 13.83 -2.19 -5.38
CA LEU B 154 13.41 -0.81 -5.23
C LEU B 154 13.24 -0.02 -6.52
N SER B 155 13.92 -0.44 -7.58
CA SER B 155 13.81 0.26 -8.85
C SER B 155 12.36 0.22 -9.36
N ASP B 156 11.61 -0.79 -8.94
CA ASP B 156 10.21 -0.98 -9.34
C ASP B 156 9.32 0.17 -8.85
N LYS B 157 9.22 1.21 -9.65
CA LYS B 157 8.44 2.37 -9.28
C LYS B 157 6.93 2.19 -9.21
N SER B 158 6.46 0.95 -9.17
CA SER B 158 5.02 0.71 -9.10
C SER B 158 4.65 0.23 -7.70
N ARG B 159 5.68 -0.08 -6.91
CA ARG B 159 5.51 -0.58 -5.54
C ARG B 159 6.16 0.37 -4.57
N TYR B 160 7.15 1.11 -5.05
CA TYR B 160 7.88 2.06 -4.22
C TYR B 160 7.80 3.41 -4.87
N ASP B 161 6.58 3.85 -5.16
CA ASP B 161 6.34 5.11 -5.85
C ASP B 161 6.80 6.40 -5.21
N TYR B 162 7.27 6.36 -3.98
CA TYR B 162 7.75 7.58 -3.32
C TYR B 162 9.19 7.47 -2.90
N PHE B 163 9.90 6.53 -3.51
CA PHE B 163 11.30 6.28 -3.19
C PHE B 163 12.20 6.68 -4.32
N ALA B 164 13.38 7.11 -3.93
CA ALA B 164 14.41 7.52 -4.86
C ALA B 164 15.68 7.29 -4.07
N ARG B 165 16.80 7.18 -4.75
CA ARG B 165 18.05 6.99 -4.04
C ARG B 165 19.12 7.63 -4.90
N THR B 166 20.31 7.78 -4.36
CA THR B 166 21.39 8.39 -5.11
C THR B 166 22.47 7.37 -5.45
N VAL B 167 22.09 6.10 -5.48
CA VAL B 167 22.99 5.00 -5.78
C VAL B 167 22.26 4.11 -6.79
N PRO B 168 23.01 3.35 -7.61
CA PRO B 168 22.44 2.46 -8.63
C PRO B 168 22.13 1.08 -8.09
N PRO B 169 21.16 0.39 -8.71
CA PRO B 169 20.73 -0.96 -8.33
C PRO B 169 21.82 -2.04 -8.54
N ASP B 170 21.67 -3.16 -7.83
CA ASP B 170 22.62 -4.27 -7.94
C ASP B 170 22.65 -4.91 -9.33
N PHE B 171 21.64 -4.61 -10.14
CA PHE B 171 21.57 -5.16 -11.50
C PHE B 171 22.84 -4.78 -12.27
N TYR B 172 23.44 -3.67 -11.88
CA TYR B 172 24.65 -3.19 -12.53
C TYR B 172 25.89 -3.59 -11.78
N GLN B 173 25.73 -4.08 -10.56
CA GLN B 173 26.87 -4.49 -9.77
C GLN B 173 27.08 -5.97 -10.06
N ALA B 174 25.97 -6.70 -10.15
CA ALA B 174 26.03 -8.12 -10.45
C ALA B 174 26.81 -8.28 -11.74
N LYS B 175 26.44 -7.49 -12.76
CA LYS B 175 27.13 -7.53 -14.05
C LYS B 175 28.61 -7.33 -13.78
N ALA B 176 28.95 -6.22 -13.14
CA ALA B 176 30.32 -5.92 -12.81
C ALA B 176 31.00 -7.12 -12.15
N MET B 177 30.27 -7.82 -11.29
CA MET B 177 30.86 -8.99 -10.64
C MET B 177 31.08 -10.15 -11.60
N ALA B 178 30.04 -10.60 -12.28
CA ALA B 178 30.19 -11.71 -13.22
C ALA B 178 31.27 -11.40 -14.25
N GLU B 179 31.29 -10.16 -14.75
CA GLU B 179 32.30 -9.80 -15.73
C GLU B 179 33.70 -9.88 -15.15
N ILE B 180 33.82 -9.94 -13.82
CA ILE B 180 35.14 -10.06 -13.19
C ILE B 180 35.58 -11.50 -13.15
N LEU B 181 34.62 -12.41 -13.06
CA LEU B 181 34.94 -13.83 -13.03
C LEU B 181 35.11 -14.29 -14.47
N ARG B 182 34.24 -13.82 -15.36
CA ARG B 182 34.31 -14.19 -16.77
C ARG B 182 35.65 -13.76 -17.37
N PHE B 183 36.33 -12.81 -16.72
CA PHE B 183 37.63 -12.35 -17.21
C PHE B 183 38.72 -13.27 -16.70
N PHE B 184 38.52 -13.85 -15.52
CA PHE B 184 39.50 -14.78 -14.95
C PHE B 184 39.04 -16.22 -15.09
N ASN B 185 38.33 -16.49 -16.18
CA ASN B 185 37.82 -17.82 -16.50
C ASN B 185 37.36 -18.63 -15.28
N TRP B 186 36.95 -17.93 -14.22
CA TRP B 186 36.47 -18.63 -13.02
C TRP B 186 35.08 -19.14 -13.36
N THR B 187 35.03 -20.21 -14.16
CA THR B 187 33.80 -20.84 -14.62
C THR B 187 33.01 -21.59 -13.54
N TYR B 188 33.69 -22.01 -12.49
CA TYR B 188 33.04 -22.77 -11.42
C TYR B 188 33.33 -22.11 -10.07
N VAL B 189 32.38 -21.32 -9.56
CA VAL B 189 32.56 -20.66 -8.28
C VAL B 189 31.33 -20.85 -7.38
N SER B 190 31.51 -20.66 -6.08
CA SER B 190 30.41 -20.81 -5.13
C SER B 190 29.89 -19.47 -4.65
N THR B 191 28.61 -19.43 -4.32
CA THR B 191 27.97 -18.21 -3.85
C THR B 191 27.32 -18.36 -2.49
N VAL B 192 27.43 -17.31 -1.70
CA VAL B 192 26.84 -17.27 -0.37
C VAL B 192 26.34 -15.83 -0.21
N ALA B 193 25.03 -15.69 0.00
CA ALA B 193 24.43 -14.36 0.13
C ALA B 193 23.59 -14.17 1.39
N SER B 194 23.70 -12.98 1.98
CA SER B 194 22.96 -12.65 3.19
C SER B 194 21.48 -12.87 2.97
N GLU B 195 20.78 -13.30 4.00
CA GLU B 195 19.35 -13.50 3.89
C GLU B 195 18.84 -12.06 3.89
N GLY B 196 17.68 -11.82 3.28
CA GLY B 196 17.17 -10.46 3.25
C GLY B 196 17.23 -9.84 1.87
N ASP B 197 16.20 -9.06 1.55
CA ASP B 197 16.08 -8.41 0.25
C ASP B 197 17.39 -7.94 -0.37
N TYR B 198 18.39 -7.63 0.44
CA TYR B 198 19.65 -7.18 -0.14
C TYR B 198 20.44 -8.30 -0.80
N GLY B 199 20.89 -9.25 0.02
CA GLY B 199 21.66 -10.35 -0.51
C GLY B 199 20.89 -11.18 -1.51
N GLU B 200 19.67 -11.55 -1.15
CA GLU B 200 18.85 -12.37 -2.03
C GLU B 200 18.76 -11.79 -3.44
N THR B 201 18.06 -10.67 -3.59
CA THR B 201 17.88 -10.05 -4.90
C THR B 201 19.20 -9.77 -5.58
N GLY B 202 20.19 -9.41 -4.78
CA GLY B 202 21.51 -9.11 -5.30
C GLY B 202 22.22 -10.33 -5.88
N ILE B 203 21.91 -11.50 -5.33
CA ILE B 203 22.54 -12.72 -5.85
C ILE B 203 21.72 -13.23 -7.03
N GLU B 204 20.40 -13.13 -6.93
CA GLU B 204 19.53 -13.58 -8.01
C GLU B 204 19.93 -12.81 -9.25
N ALA B 205 20.51 -11.64 -9.02
CA ALA B 205 20.97 -10.79 -10.10
C ALA B 205 22.25 -11.41 -10.64
N PHE B 206 23.15 -11.79 -9.72
CA PHE B 206 24.40 -12.43 -10.13
C PHE B 206 24.15 -13.78 -10.78
N GLU B 207 23.26 -14.56 -10.18
CA GLU B 207 22.91 -15.88 -10.69
C GLU B 207 22.63 -15.83 -12.20
N GLN B 208 21.75 -14.92 -12.61
CA GLN B 208 21.40 -14.75 -14.02
C GLN B 208 22.62 -14.38 -14.85
N GLU B 209 23.25 -13.25 -14.51
CA GLU B 209 24.44 -12.79 -15.24
C GLU B 209 25.53 -13.85 -15.23
N ALA B 210 25.45 -14.77 -14.27
CA ALA B 210 26.42 -15.84 -14.14
C ALA B 210 26.23 -16.88 -15.25
N ARG B 211 24.99 -17.36 -15.40
CA ARG B 211 24.69 -18.35 -16.43
C ARG B 211 25.06 -17.82 -17.81
N LEU B 212 24.60 -16.61 -18.12
CA LEU B 212 24.83 -15.97 -19.42
C LEU B 212 26.29 -15.89 -19.88
N ARG B 213 27.23 -15.95 -18.94
CA ARG B 213 28.64 -15.88 -19.31
C ARG B 213 29.29 -17.25 -19.08
N ASN B 214 28.45 -18.28 -19.10
CA ASN B 214 28.89 -19.66 -18.91
C ASN B 214 29.67 -19.86 -17.62
N ILE B 215 28.99 -19.63 -16.50
CA ILE B 215 29.60 -19.80 -15.18
C ILE B 215 28.65 -20.66 -14.34
N CYS B 216 29.11 -21.87 -13.99
CA CYS B 216 28.32 -22.80 -13.19
C CYS B 216 28.53 -22.53 -11.71
N ILE B 217 27.43 -22.46 -10.97
CA ILE B 217 27.51 -22.19 -9.53
C ILE B 217 27.61 -23.48 -8.73
N ALA B 218 28.77 -23.69 -8.13
CA ALA B 218 29.06 -24.86 -7.31
C ALA B 218 27.97 -25.10 -6.27
N THR B 219 28.16 -24.51 -5.09
CA THR B 219 27.19 -24.64 -4.03
C THR B 219 26.61 -23.27 -3.75
N ALA B 220 25.29 -23.18 -3.68
CA ALA B 220 24.62 -21.92 -3.43
C ALA B 220 24.33 -21.74 -1.94
N GLU B 221 25.22 -21.03 -1.25
CA GLU B 221 25.09 -20.79 0.17
C GLU B 221 24.36 -19.50 0.52
N LYS B 222 23.73 -19.48 1.69
CA LYS B 222 23.02 -18.29 2.17
C LYS B 222 22.83 -18.34 3.69
N VAL B 223 23.36 -17.32 4.37
CA VAL B 223 23.27 -17.20 5.83
C VAL B 223 21.93 -16.60 6.22
N GLY B 224 21.77 -16.18 7.48
CA GLY B 224 20.50 -15.61 7.88
C GLY B 224 20.39 -14.81 9.17
N ARG B 225 19.19 -14.87 9.75
CA ARG B 225 18.85 -14.17 10.99
C ARG B 225 19.21 -14.97 12.24
N SER B 226 19.46 -14.25 13.33
CA SER B 226 19.80 -14.85 14.62
C SER B 226 20.83 -15.97 14.47
N ASN B 227 21.59 -15.92 13.38
CA ASN B 227 22.61 -16.93 13.12
C ASN B 227 23.81 -16.77 14.03
N ILE B 228 24.32 -17.90 14.51
CA ILE B 228 25.47 -17.92 15.40
C ILE B 228 26.65 -18.53 14.62
N ARG B 229 27.70 -18.89 15.35
CA ARG B 229 28.89 -19.46 14.73
C ARG B 229 28.59 -20.71 13.91
N LYS B 230 27.90 -21.68 14.53
CA LYS B 230 27.54 -22.94 13.89
C LYS B 230 26.94 -22.87 12.49
N SER B 231 26.14 -21.84 12.23
CA SER B 231 25.50 -21.71 10.92
C SER B 231 26.47 -21.12 9.91
N TYR B 232 27.46 -20.37 10.40
CA TYR B 232 28.46 -19.79 9.51
C TYR B 232 29.52 -20.83 9.19
N ASP B 233 29.94 -21.58 10.20
CA ASP B 233 30.93 -22.64 9.98
C ASP B 233 30.27 -23.61 9.01
N SER B 234 29.01 -23.92 9.28
CA SER B 234 28.21 -24.82 8.44
C SER B 234 28.33 -24.39 6.98
N VAL B 235 28.27 -23.08 6.76
CA VAL B 235 28.38 -22.51 5.41
C VAL B 235 29.80 -22.69 4.89
N ILE B 236 30.78 -22.56 5.79
CA ILE B 236 32.18 -22.72 5.43
C ILE B 236 32.36 -24.18 5.02
N ARG B 237 31.84 -25.09 5.85
CA ARG B 237 31.94 -26.52 5.57
C ARG B 237 31.51 -26.77 4.13
N GLU B 238 30.26 -26.41 3.84
CA GLU B 238 29.71 -26.60 2.50
C GLU B 238 30.45 -25.89 1.39
N LEU B 239 31.24 -24.87 1.72
CA LEU B 239 32.04 -24.15 0.74
C LEU B 239 33.27 -25.00 0.47
N LEU B 240 33.54 -25.90 1.41
CA LEU B 240 34.67 -26.80 1.35
C LEU B 240 34.31 -28.12 0.69
N GLN B 241 33.04 -28.47 0.70
CA GLN B 241 32.57 -29.71 0.09
C GLN B 241 32.65 -29.66 -1.44
N LYS B 242 33.10 -28.52 -1.95
CA LYS B 242 33.25 -28.31 -3.39
C LYS B 242 34.59 -27.58 -3.55
N PRO B 243 35.66 -28.16 -3.00
CA PRO B 243 37.02 -27.61 -3.04
C PRO B 243 37.60 -27.31 -4.42
N ASN B 244 36.81 -27.53 -5.46
CA ASN B 244 37.28 -27.26 -6.81
C ASN B 244 37.11 -25.77 -7.08
N ALA B 245 36.07 -25.20 -6.48
CA ALA B 245 35.76 -23.78 -6.61
C ALA B 245 36.46 -23.02 -5.50
N ARG B 246 37.58 -22.39 -5.83
CA ARG B 246 38.36 -21.64 -4.84
C ARG B 246 37.87 -20.19 -4.77
N VAL B 247 37.01 -19.82 -5.70
CA VAL B 247 36.48 -18.46 -5.74
C VAL B 247 35.05 -18.41 -5.20
N VAL B 248 34.87 -17.69 -4.09
CA VAL B 248 33.55 -17.56 -3.50
C VAL B 248 33.01 -16.15 -3.65
N VAL B 249 31.83 -16.08 -4.26
CA VAL B 249 31.12 -14.82 -4.49
C VAL B 249 30.30 -14.47 -3.27
N LEU B 250 30.44 -13.24 -2.82
CA LEU B 250 29.71 -12.78 -1.65
C LEU B 250 28.80 -11.59 -1.92
N PHE B 251 27.52 -11.79 -1.66
CA PHE B 251 26.54 -10.72 -1.80
C PHE B 251 25.88 -10.71 -0.43
N MET B 252 26.65 -10.24 0.55
CA MET B 252 26.19 -10.19 1.93
C MET B 252 26.32 -8.82 2.55
N ARG B 253 25.47 -8.58 3.54
CA ARG B 253 25.44 -7.34 4.29
C ARG B 253 26.79 -7.17 4.96
N SER B 254 27.10 -5.95 5.38
CA SER B 254 28.36 -5.67 6.06
C SER B 254 28.53 -6.64 7.24
N ASP B 255 27.48 -6.79 8.06
CA ASP B 255 27.56 -7.69 9.21
C ASP B 255 27.69 -9.17 8.83
N ASP B 256 26.76 -9.71 8.04
CA ASP B 256 26.86 -11.12 7.65
C ASP B 256 28.17 -11.44 6.95
N SER B 257 28.78 -10.42 6.34
CA SER B 257 30.02 -10.59 5.62
C SER B 257 31.21 -10.75 6.57
N ARG B 258 31.06 -10.27 7.80
CA ARG B 258 32.11 -10.37 8.81
C ARG B 258 32.01 -11.73 9.51
N GLU B 259 30.79 -12.07 9.94
CA GLU B 259 30.55 -13.35 10.61
C GLU B 259 31.02 -14.52 9.77
N LEU B 260 30.88 -14.39 8.45
CA LEU B 260 31.30 -15.43 7.51
C LEU B 260 32.81 -15.59 7.56
N ILE B 261 33.52 -14.48 7.38
CA ILE B 261 34.97 -14.49 7.41
C ILE B 261 35.48 -14.94 8.79
N ALA B 262 34.79 -14.53 9.83
CA ALA B 262 35.16 -14.92 11.19
C ALA B 262 35.14 -16.44 11.26
N ALA B 263 34.04 -17.03 10.81
CA ALA B 263 33.89 -18.47 10.80
C ALA B 263 34.99 -19.09 9.96
N ALA B 264 35.06 -18.68 8.70
CA ALA B 264 36.07 -19.18 7.77
C ALA B 264 37.49 -19.12 8.33
N ASN B 265 37.70 -18.31 9.36
CA ASN B 265 39.03 -18.18 9.96
C ASN B 265 39.28 -19.19 11.08
N ARG B 266 38.31 -19.38 11.96
CA ARG B 266 38.46 -20.32 13.07
C ARG B 266 38.96 -21.66 12.55
N VAL B 267 38.56 -22.01 11.33
CA VAL B 267 38.98 -23.27 10.73
C VAL B 267 39.86 -23.05 9.50
N ASN B 268 40.86 -22.19 9.65
CA ASN B 268 41.83 -21.86 8.61
C ASN B 268 41.40 -22.17 7.17
N ALA B 269 40.13 -21.89 6.85
CA ALA B 269 39.62 -22.12 5.51
C ALA B 269 40.07 -20.95 4.64
N SER B 270 40.43 -21.23 3.39
CA SER B 270 40.90 -20.18 2.49
C SER B 270 40.26 -20.19 1.11
N PHE B 271 39.88 -19.00 0.65
CA PHE B 271 39.27 -18.84 -0.66
C PHE B 271 39.64 -17.47 -1.23
N THR B 272 39.19 -17.22 -2.46
CA THR B 272 39.42 -15.93 -3.12
C THR B 272 38.07 -15.25 -3.01
N TRP B 273 37.95 -14.36 -2.03
CA TRP B 273 36.71 -13.66 -1.78
C TRP B 273 36.38 -12.57 -2.79
N VAL B 274 35.22 -12.73 -3.42
CA VAL B 274 34.72 -11.75 -4.38
C VAL B 274 33.44 -11.27 -3.71
N ALA B 275 33.48 -10.08 -3.13
CA ALA B 275 32.33 -9.56 -2.42
C ALA B 275 31.71 -8.26 -2.94
N SER B 276 30.40 -8.15 -2.73
CA SER B 276 29.62 -7.00 -3.12
C SER B 276 29.98 -5.83 -2.21
N ASP B 277 29.51 -4.65 -2.53
CA ASP B 277 29.80 -3.47 -1.72
C ASP B 277 29.47 -3.79 -0.26
N GLY B 278 28.49 -4.67 -0.05
CA GLY B 278 28.11 -5.05 1.31
C GLY B 278 29.32 -5.15 2.22
N TRP B 279 30.38 -5.73 1.68
CA TRP B 279 31.66 -5.88 2.36
C TRP B 279 32.41 -4.61 2.00
N GLY B 280 32.40 -4.31 0.70
CA GLY B 280 33.04 -3.12 0.19
C GLY B 280 34.52 -3.07 0.52
N ALA B 281 34.97 -1.89 0.91
CA ALA B 281 36.37 -1.68 1.25
C ALA B 281 36.53 -1.42 2.74
N GLN B 282 35.60 -1.97 3.53
CA GLN B 282 35.66 -1.80 4.97
C GLN B 282 36.82 -2.58 5.57
N GLU B 283 37.71 -1.88 6.25
CA GLU B 283 38.86 -2.52 6.87
C GLU B 283 38.44 -3.07 8.22
N SER B 284 37.20 -2.79 8.60
CA SER B 284 36.66 -3.26 9.88
C SER B 284 36.02 -4.65 9.75
N ILE B 285 36.02 -5.19 8.53
CA ILE B 285 35.44 -6.51 8.29
C ILE B 285 36.51 -7.58 8.42
N VAL B 286 37.69 -7.27 7.89
CA VAL B 286 38.82 -8.18 7.91
C VAL B 286 39.54 -8.17 9.26
N LYS B 287 39.17 -7.23 10.13
CA LYS B 287 39.81 -7.14 11.46
C LYS B 287 39.59 -8.41 12.28
N GLY B 288 40.70 -9.09 12.58
CA GLY B 288 40.63 -10.32 13.35
C GLY B 288 40.77 -11.53 12.44
N SER B 289 41.03 -11.26 11.16
CA SER B 289 41.19 -12.30 10.15
C SER B 289 41.93 -11.72 8.94
N GLU B 290 42.77 -10.73 9.20
CA GLU B 290 43.55 -10.03 8.18
C GLU B 290 44.09 -10.92 7.06
N HIS B 291 44.28 -12.21 7.33
CA HIS B 291 44.82 -13.12 6.33
C HIS B 291 43.78 -14.04 5.67
N VAL B 292 42.87 -14.60 6.46
CA VAL B 292 41.84 -15.50 5.92
C VAL B 292 41.04 -14.77 4.83
N ALA B 293 41.19 -13.44 4.81
CA ALA B 293 40.49 -12.62 3.86
C ALA B 293 41.46 -12.03 2.84
N TYR B 294 42.76 -12.20 3.09
CA TYR B 294 43.80 -11.68 2.21
C TYR B 294 43.53 -12.03 0.74
N GLY B 295 44.14 -11.26 -0.15
CA GLY B 295 44.01 -11.47 -1.59
C GLY B 295 42.61 -11.66 -2.09
N ALA B 296 41.67 -10.90 -1.53
CA ALA B 296 40.28 -10.98 -1.94
C ALA B 296 39.96 -9.78 -2.83
N ILE B 297 38.82 -9.87 -3.50
CA ILE B 297 38.35 -8.83 -4.40
C ILE B 297 36.93 -8.41 -4.02
N THR B 298 36.79 -7.14 -3.69
CA THR B 298 35.50 -6.58 -3.29
C THR B 298 35.19 -5.33 -4.08
N LEU B 299 33.91 -5.15 -4.40
CA LEU B 299 33.47 -3.98 -5.15
C LEU B 299 32.85 -2.92 -4.25
N GLU B 300 32.86 -1.67 -4.71
CA GLU B 300 32.27 -0.55 -4.00
C GLU B 300 31.74 0.43 -5.04
N LEU B 301 30.94 1.40 -4.60
CA LEU B 301 30.40 2.37 -5.54
C LEU B 301 31.43 3.46 -5.85
N ALA B 302 31.35 4.02 -7.06
CA ALA B 302 32.26 5.07 -7.49
C ALA B 302 31.95 6.39 -6.81
N SER B 303 32.82 6.81 -5.89
CA SER B 303 32.60 8.06 -5.18
C SER B 303 33.91 8.75 -4.84
N HIS B 304 33.89 10.08 -4.84
CA HIS B 304 35.07 10.87 -4.52
C HIS B 304 34.81 11.59 -3.19
N PRO B 305 35.61 11.27 -2.15
CA PRO B 305 35.49 11.87 -0.81
C PRO B 305 35.13 13.36 -0.75
N VAL B 306 34.28 13.71 0.20
CA VAL B 306 33.86 15.10 0.37
C VAL B 306 34.82 15.83 1.28
N ARG B 307 35.73 16.57 0.67
CA ARG B 307 36.73 17.32 1.40
C ARG B 307 36.27 17.98 2.71
N GLN B 308 35.31 18.90 2.61
CA GLN B 308 34.83 19.62 3.79
C GLN B 308 34.38 18.71 4.93
N PHE B 309 33.63 17.66 4.60
CA PHE B 309 33.16 16.75 5.63
C PHE B 309 34.33 16.29 6.47
N ASP B 310 35.44 15.98 5.81
CA ASP B 310 36.63 15.53 6.52
C ASP B 310 36.97 16.46 7.67
N ARG B 311 37.25 17.71 7.33
CA ARG B 311 37.61 18.69 8.34
C ARG B 311 36.51 18.76 9.39
N TYR B 312 35.27 18.70 8.92
CA TYR B 312 34.11 18.76 9.79
C TYR B 312 34.07 17.65 10.83
N PHE B 313 34.09 16.40 10.36
CA PHE B 313 34.03 15.27 11.27
C PHE B 313 35.20 15.28 12.22
N GLN B 314 36.41 15.44 11.69
CA GLN B 314 37.61 15.45 12.51
C GLN B 314 37.58 16.55 13.56
N SER B 315 36.68 17.52 13.39
CA SER B 315 36.58 18.62 14.35
C SER B 315 35.62 18.28 15.50
N LEU B 316 35.03 17.09 15.47
CA LEU B 316 34.09 16.67 16.50
C LEU B 316 34.76 16.05 17.72
N ASN B 317 34.07 16.15 18.85
CA ASN B 317 34.51 15.61 20.14
C ASN B 317 33.36 15.76 21.14
N PRO B 318 33.26 14.85 22.13
CA PRO B 318 32.22 14.85 23.16
C PRO B 318 31.98 16.14 23.93
N TYR B 319 32.89 17.11 23.76
CA TYR B 319 32.75 18.38 24.45
C TYR B 319 32.05 19.43 23.59
N ASN B 320 31.98 19.18 22.28
CA ASN B 320 31.33 20.13 21.37
C ASN B 320 30.20 19.54 20.51
N ASN B 321 30.03 18.22 20.55
CA ASN B 321 28.97 17.53 19.79
C ASN B 321 27.91 17.09 20.79
N HIS B 322 27.00 18.01 21.12
CA HIS B 322 25.94 17.72 22.08
C HIS B 322 24.60 17.30 21.47
N ARG B 323 24.40 17.66 20.21
CA ARG B 323 23.15 17.34 19.51
C ARG B 323 23.08 15.87 19.05
N ASN B 324 24.22 15.19 19.03
CA ASN B 324 24.28 13.78 18.62
C ASN B 324 24.33 12.88 19.86
N PRO B 325 23.17 12.49 20.38
CA PRO B 325 23.05 11.63 21.56
C PRO B 325 23.88 10.36 21.53
N TRP B 326 24.21 9.89 20.33
CA TRP B 326 24.99 8.66 20.18
C TRP B 326 26.49 8.89 20.22
N PHE B 327 26.91 10.15 20.03
CA PHE B 327 28.34 10.47 20.00
C PHE B 327 29.20 9.96 21.15
N ARG B 328 28.71 10.13 22.38
CA ARG B 328 29.44 9.68 23.56
C ARG B 328 29.74 8.20 23.43
N ASP B 329 28.68 7.40 23.31
CA ASP B 329 28.82 5.95 23.16
C ASP B 329 29.78 5.60 22.02
N PHE B 330 29.78 6.43 20.98
CA PHE B 330 30.67 6.21 19.86
C PHE B 330 32.07 6.53 20.30
N TRP B 331 32.21 7.63 21.02
CA TRP B 331 33.51 8.07 21.52
C TRP B 331 34.10 7.02 22.44
N GLU B 332 33.37 6.64 23.48
CA GLU B 332 33.84 5.63 24.42
C GLU B 332 34.20 4.31 23.75
N GLN B 333 33.47 3.96 22.70
CA GLN B 333 33.72 2.71 22.00
C GLN B 333 34.93 2.79 21.06
N LYS B 334 35.07 3.91 20.36
CA LYS B 334 36.17 4.09 19.42
C LYS B 334 37.52 4.19 20.12
N PHE B 335 37.55 4.90 21.23
CA PHE B 335 38.79 5.11 21.98
C PHE B 335 39.02 4.17 23.16
N GLN B 336 38.09 3.25 23.38
CA GLN B 336 38.19 2.30 24.49
C GLN B 336 38.05 3.08 25.81
N CYS B 337 37.56 4.30 25.68
CA CYS B 337 37.32 5.20 26.80
C CYS B 337 36.52 4.61 27.94
N SER B 338 35.86 5.51 28.65
CA SER B 338 35.00 5.22 29.78
C SER B 338 34.72 6.59 30.38
N LEU B 339 33.52 6.76 30.92
CA LEU B 339 33.14 8.03 31.53
C LEU B 339 32.11 7.79 32.63
N GLN B 340 31.63 8.86 33.24
CA GLN B 340 30.63 8.75 34.31
C GLN B 340 29.26 8.43 33.72
N ASN B 341 29.02 8.89 32.48
CA ASN B 341 27.76 8.61 31.80
C ASN B 341 27.88 7.25 31.14
N LYS B 342 28.51 6.30 31.84
CA LYS B 342 28.71 4.96 31.34
C LYS B 342 28.24 3.94 32.39
N ARG B 343 28.64 2.69 32.21
CA ARG B 343 28.28 1.63 33.15
C ARG B 343 29.33 1.55 34.26
N ASN B 344 30.29 0.65 34.09
CA ASN B 344 31.37 0.45 35.06
C ASN B 344 32.53 -0.26 34.37
N HIS B 345 33.54 0.49 33.93
CA HIS B 345 34.69 -0.11 33.25
C HIS B 345 36.07 0.41 33.64
N ARG B 346 37.06 0.06 32.83
CA ARG B 346 38.46 0.45 33.08
C ARG B 346 38.98 1.54 32.15
N GLN B 347 40.10 2.15 32.57
CA GLN B 347 40.78 3.21 31.83
C GLN B 347 39.90 4.41 31.53
N VAL B 348 40.14 5.52 32.23
CA VAL B 348 39.39 6.75 32.01
C VAL B 348 39.89 7.35 30.69
N CYS B 349 39.33 8.48 30.26
CA CYS B 349 39.78 9.04 29.00
C CYS B 349 40.38 10.43 28.93
N ASP B 350 41.55 10.47 28.29
CA ASP B 350 42.30 11.70 28.11
C ASP B 350 41.51 12.76 27.35
N LYS B 351 41.62 13.99 27.84
CA LYS B 351 40.92 15.13 27.24
C LYS B 351 41.45 15.40 25.83
N HIS B 352 42.77 15.29 25.67
CA HIS B 352 43.44 15.54 24.40
C HIS B 352 43.24 14.43 23.39
N LEU B 353 42.14 13.70 23.53
CA LEU B 353 41.81 12.62 22.62
C LEU B 353 41.02 13.32 21.51
N ALA B 354 41.23 12.90 20.26
CA ALA B 354 40.53 13.52 19.15
C ALA B 354 40.51 12.66 17.88
N ILE B 355 39.58 12.99 16.96
CA ILE B 355 39.45 12.28 15.70
C ILE B 355 40.37 12.96 14.68
N ASP B 356 41.48 12.31 14.35
CA ASP B 356 42.41 12.89 13.40
C ASP B 356 42.68 11.98 12.21
N SER B 357 43.68 12.34 11.42
CA SER B 357 44.06 11.58 10.22
C SER B 357 44.74 10.25 10.54
N SER B 358 44.87 9.93 11.83
CA SER B 358 45.51 8.68 12.24
C SER B 358 44.49 7.64 12.65
N ASN B 359 43.28 8.08 13.01
CA ASN B 359 42.25 7.14 13.44
C ASN B 359 40.95 7.22 12.64
N TYR B 360 40.95 7.95 11.54
CA TYR B 360 39.73 8.10 10.75
C TYR B 360 39.89 8.23 9.25
N GLU B 361 39.13 7.41 8.52
CA GLU B 361 39.12 7.43 7.07
C GLU B 361 37.66 7.58 6.65
N GLN B 362 37.36 8.62 5.88
CA GLN B 362 36.00 8.88 5.41
C GLN B 362 35.37 7.71 4.66
N GLU B 363 34.21 7.28 5.15
CA GLU B 363 33.44 6.18 4.59
C GLU B 363 33.16 6.45 3.10
N SER B 364 33.15 5.39 2.30
CA SER B 364 32.95 5.50 0.85
C SER B 364 31.65 6.17 0.39
N LYS B 365 30.54 5.85 1.04
CA LYS B 365 29.25 6.40 0.65
C LYS B 365 28.89 7.79 1.16
N ILE B 366 29.65 8.32 2.11
CA ILE B 366 29.35 9.64 2.66
C ILE B 366 28.95 10.61 1.57
N MET B 367 29.52 10.43 0.39
CA MET B 367 29.19 11.30 -0.72
C MET B 367 27.69 11.19 -1.02
N PHE B 368 27.20 9.97 -1.16
CA PHE B 368 25.79 9.74 -1.45
C PHE B 368 24.86 10.32 -0.41
N VAL B 369 25.29 10.27 0.85
CA VAL B 369 24.48 10.84 1.91
C VAL B 369 24.27 12.31 1.57
N VAL B 370 25.36 13.05 1.47
CA VAL B 370 25.30 14.48 1.17
C VAL B 370 24.47 14.84 -0.06
N ASN B 371 24.64 14.08 -1.15
CA ASN B 371 23.88 14.36 -2.35
C ASN B 371 22.40 14.07 -2.13
N ALA B 372 22.13 12.98 -1.42
CA ALA B 372 20.75 12.61 -1.11
C ALA B 372 20.04 13.83 -0.51
N VAL B 373 20.67 14.41 0.50
CA VAL B 373 20.12 15.56 1.17
C VAL B 373 20.00 16.78 0.28
N TYR B 374 21.05 17.12 -0.43
CA TYR B 374 20.97 18.27 -1.30
C TYR B 374 19.84 18.09 -2.28
N ALA B 375 19.64 16.86 -2.74
CA ALA B 375 18.55 16.61 -3.68
C ALA B 375 17.27 17.12 -3.02
N MET B 376 16.86 16.44 -1.97
CA MET B 376 15.68 16.80 -1.23
C MET B 376 15.55 18.32 -1.15
N ALA B 377 16.66 18.96 -0.79
CA ALA B 377 16.70 20.41 -0.63
C ALA B 377 16.49 21.16 -1.94
N HIS B 378 17.26 20.81 -2.96
CA HIS B 378 17.09 21.48 -4.24
C HIS B 378 15.64 21.28 -4.63
N ALA B 379 15.12 20.08 -4.35
CA ALA B 379 13.72 19.79 -4.68
C ALA B 379 12.84 20.80 -3.99
N LEU B 380 12.90 20.84 -2.67
CA LEU B 380 12.11 21.81 -1.94
C LEU B 380 12.38 23.21 -2.51
N HIS B 381 13.66 23.55 -2.65
CA HIS B 381 14.02 24.86 -3.16
C HIS B 381 13.27 25.23 -4.43
N LYS B 382 13.02 24.29 -5.32
CA LYS B 382 12.29 24.67 -6.52
C LYS B 382 10.85 24.93 -6.09
N MET B 383 10.27 24.01 -5.33
CA MET B 383 8.90 24.18 -4.88
C MET B 383 8.73 25.54 -4.26
N GLN B 384 9.76 25.99 -3.53
CA GLN B 384 9.73 27.29 -2.91
C GLN B 384 9.52 28.36 -3.98
N ARG B 385 10.54 28.62 -4.78
CA ARG B 385 10.45 29.62 -5.82
C ARG B 385 9.25 29.45 -6.77
N THR B 386 8.84 28.22 -7.00
CA THR B 386 7.72 28.03 -7.92
C THR B 386 6.41 28.40 -7.26
N LEU B 387 6.15 27.83 -6.09
CA LEU B 387 4.91 28.13 -5.38
C LEU B 387 4.84 29.51 -4.74
N CYS B 388 6.00 30.11 -4.48
CA CYS B 388 6.01 31.39 -3.80
C CYS B 388 6.97 32.46 -4.25
N PRO B 389 6.65 33.08 -5.39
CA PRO B 389 7.39 34.15 -6.07
C PRO B 389 7.79 35.37 -5.25
N GLN B 390 6.85 35.84 -4.45
CA GLN B 390 7.07 37.03 -3.64
C GLN B 390 8.25 36.94 -2.66
N THR B 391 8.10 36.16 -1.59
CA THR B 391 9.14 36.02 -0.57
C THR B 391 10.17 34.92 -0.81
N THR B 392 11.03 34.73 0.19
CA THR B 392 12.07 33.70 0.19
C THR B 392 11.74 32.73 1.30
N LYS B 393 10.70 33.09 2.07
CA LYS B 393 10.23 32.29 3.20
C LYS B 393 9.13 31.31 2.82
N LEU B 394 8.77 30.44 3.76
CA LEU B 394 7.73 29.44 3.53
C LEU B 394 6.35 30.09 3.60
N CYS B 395 5.78 30.31 2.44
CA CYS B 395 4.47 30.94 2.24
C CYS B 395 3.31 30.04 2.61
N ASP B 396 2.11 30.47 2.25
CA ASP B 396 0.91 29.70 2.55
C ASP B 396 0.75 28.56 1.56
N ALA B 397 1.23 28.77 0.34
CA ALA B 397 1.12 27.73 -0.66
C ALA B 397 1.74 26.43 -0.16
N MET B 398 2.94 26.55 0.39
CA MET B 398 3.68 25.39 0.89
C MET B 398 3.49 25.11 2.36
N LYS B 399 2.56 25.81 3.02
CA LYS B 399 2.37 25.55 4.45
C LYS B 399 2.27 24.03 4.58
N ILE B 400 1.42 23.44 3.73
CA ILE B 400 1.20 22.00 3.69
C ILE B 400 1.63 21.46 2.33
N LEU B 401 2.75 20.75 2.30
CA LEU B 401 3.28 20.22 1.06
C LEU B 401 2.41 19.17 0.38
N ASP B 402 2.62 19.03 -0.93
CA ASP B 402 1.91 18.06 -1.76
C ASP B 402 2.93 16.99 -2.08
N GLY B 403 3.03 15.99 -1.22
CA GLY B 403 3.98 14.92 -1.45
C GLY B 403 4.15 14.56 -2.92
N LYS B 404 3.09 13.97 -3.48
CA LYS B 404 3.05 13.53 -4.88
C LYS B 404 3.75 14.55 -5.76
N LYS B 405 3.37 15.82 -5.60
CA LYS B 405 3.94 16.93 -6.37
C LYS B 405 5.46 17.00 -6.15
N LEU B 406 5.88 17.21 -4.90
CA LEU B 406 7.29 17.30 -4.55
C LEU B 406 8.07 16.13 -5.14
N TYR B 407 7.46 14.95 -5.19
CA TYR B 407 8.12 13.77 -5.74
C TYR B 407 8.22 13.75 -7.25
N LYS B 408 7.35 14.47 -7.93
CA LYS B 408 7.38 14.58 -9.41
C LYS B 408 7.72 16.04 -9.78
N GLU B 409 8.65 16.59 -9.01
CA GLU B 409 9.20 17.93 -9.10
C GLU B 409 10.55 17.71 -8.43
N TYR B 410 10.78 16.44 -8.09
CA TYR B 410 11.99 15.98 -7.42
C TYR B 410 12.78 15.06 -8.35
N LEU B 411 12.13 14.03 -8.86
CA LEU B 411 12.80 13.13 -9.78
C LEU B 411 13.43 13.98 -10.87
N LEU B 412 12.61 14.88 -11.41
CA LEU B 412 13.03 15.78 -12.48
C LEU B 412 14.18 16.70 -12.07
N LYS B 413 14.92 16.32 -11.03
CA LYS B 413 16.02 17.16 -10.58
C LYS B 413 17.36 16.89 -11.25
N ILE B 414 18.17 17.94 -11.36
CA ILE B 414 19.52 17.89 -11.96
C ILE B 414 20.32 19.05 -11.36
N GLN B 415 21.45 18.74 -10.72
CA GLN B 415 22.27 19.79 -10.12
C GLN B 415 23.73 19.37 -9.98
N PHE B 416 24.63 20.35 -9.91
CA PHE B 416 26.06 20.06 -9.75
C PHE B 416 26.25 19.67 -8.30
N THR B 417 26.74 18.45 -8.08
CA THR B 417 26.96 17.93 -6.73
C THR B 417 27.37 19.05 -5.79
N ALA B 418 26.93 18.97 -4.54
CA ALA B 418 27.26 19.98 -3.56
C ALA B 418 28.73 20.38 -3.79
N PRO B 419 28.97 21.66 -4.17
CA PRO B 419 30.25 22.32 -4.47
C PRO B 419 31.44 21.78 -3.68
N PHE B 420 31.13 20.85 -2.81
CA PHE B 420 32.09 20.16 -1.96
C PHE B 420 32.93 19.28 -2.87
N ASN B 421 32.58 19.30 -4.16
CA ASN B 421 33.27 18.52 -5.18
C ASN B 421 34.14 19.43 -6.05
N PRO B 422 35.43 19.07 -6.24
CA PRO B 422 36.37 19.85 -7.04
C PRO B 422 36.01 19.96 -8.52
N ASN B 423 36.09 18.85 -9.24
CA ASN B 423 35.78 18.83 -10.67
C ASN B 423 34.30 19.03 -10.96
N LYS B 424 33.95 18.99 -12.24
CA LYS B 424 32.58 19.15 -12.69
C LYS B 424 32.42 18.23 -13.90
N GLY B 425 33.54 17.98 -14.57
CA GLY B 425 33.55 17.12 -15.73
C GLY B 425 33.82 15.66 -15.40
N ALA B 426 32.78 15.00 -14.89
CA ALA B 426 32.85 13.60 -14.51
C ALA B 426 31.41 13.17 -14.26
N ASP B 427 30.48 13.91 -14.86
CA ASP B 427 29.06 13.65 -14.71
C ASP B 427 28.75 13.68 -13.22
N SER B 428 29.50 14.51 -12.51
CA SER B 428 29.32 14.66 -11.07
C SER B 428 28.11 15.56 -10.81
N ILE B 429 26.98 15.18 -11.40
CA ILE B 429 25.75 15.93 -11.22
C ILE B 429 24.72 14.93 -10.74
N VAL B 430 23.97 15.31 -9.71
CA VAL B 430 22.97 14.41 -9.17
C VAL B 430 21.70 14.52 -9.98
N LYS B 431 21.07 13.37 -10.23
CA LYS B 431 19.81 13.31 -10.96
C LYS B 431 19.29 11.90 -10.76
N PHE B 432 18.11 11.60 -11.29
CA PHE B 432 17.54 10.26 -11.12
C PHE B 432 17.03 9.68 -12.44
N ASP B 433 17.04 8.35 -12.55
CA ASP B 433 16.54 7.69 -13.76
C ASP B 433 15.02 7.74 -13.74
N THR B 434 14.41 7.06 -14.71
CA THR B 434 12.96 7.00 -14.79
C THR B 434 12.48 6.08 -13.67
N PHE B 435 13.45 5.55 -12.90
CA PHE B 435 13.16 4.64 -11.79
C PHE B 435 13.52 5.29 -10.46
N GLY B 436 14.24 6.40 -10.52
CA GLY B 436 14.61 7.08 -9.30
C GLY B 436 15.87 6.55 -8.68
N ASP B 437 16.68 5.87 -9.49
CA ASP B 437 17.95 5.34 -9.00
C ASP B 437 19.10 6.13 -9.60
N GLY B 438 20.33 5.74 -9.29
CA GLY B 438 21.48 6.47 -9.80
C GLY B 438 22.31 5.80 -10.88
N MET B 439 23.50 6.36 -11.12
CA MET B 439 24.44 5.85 -12.12
C MET B 439 25.27 4.66 -11.64
N GLY B 440 25.29 3.60 -12.44
CA GLY B 440 26.04 2.40 -12.10
C GLY B 440 27.56 2.44 -12.32
N ARG B 441 28.27 3.13 -11.42
CA ARG B 441 29.72 3.23 -11.50
C ARG B 441 30.33 2.56 -10.26
N TYR B 442 31.04 1.46 -10.46
CA TYR B 442 31.64 0.78 -9.31
C TYR B 442 33.16 0.70 -9.41
N ASN B 443 33.80 0.55 -8.26
CA ASN B 443 35.25 0.42 -8.22
C ASN B 443 35.64 -0.97 -7.75
N VAL B 444 36.60 -1.58 -8.46
CA VAL B 444 37.04 -2.91 -8.10
C VAL B 444 38.20 -2.80 -7.12
N PHE B 445 38.14 -3.59 -6.06
CA PHE B 445 39.18 -3.56 -5.04
C PHE B 445 39.88 -4.88 -4.79
N ASN B 446 41.08 -4.78 -4.24
CA ASN B 446 41.89 -5.93 -3.89
C ASN B 446 42.39 -5.74 -2.47
N LEU B 447 42.11 -6.72 -1.61
CA LEU B 447 42.54 -6.62 -0.22
C LEU B 447 43.97 -7.11 -0.10
N GLN B 448 44.91 -6.19 0.15
CA GLN B 448 46.32 -6.57 0.28
C GLN B 448 47.08 -5.93 1.44
N GLN B 449 48.15 -6.59 1.86
CA GLN B 449 49.00 -6.15 2.95
C GLN B 449 50.45 -6.18 2.46
N THR B 450 51.19 -5.11 2.72
CA THR B 450 52.59 -5.02 2.30
C THR B 450 53.54 -4.81 3.48
N GLY B 451 53.15 -3.94 4.41
CA GLY B 451 53.99 -3.68 5.57
C GLY B 451 53.33 -3.98 6.90
N GLY B 452 53.08 -5.27 7.15
CA GLY B 452 52.45 -5.66 8.40
C GLY B 452 51.05 -5.11 8.62
N LYS B 453 50.58 -4.30 7.67
CA LYS B 453 49.25 -3.70 7.77
C LYS B 453 48.38 -3.97 6.53
N TYR B 454 47.12 -4.32 6.80
CA TYR B 454 46.15 -4.63 5.77
C TYR B 454 45.44 -3.38 5.24
N SER B 455 45.31 -3.28 3.92
CA SER B 455 44.65 -2.14 3.30
C SER B 455 43.97 -2.53 1.99
N TYR B 456 43.09 -1.67 1.50
CA TYR B 456 42.39 -1.94 0.25
C TYR B 456 42.98 -1.08 -0.85
N LEU B 457 43.38 -1.72 -1.95
CA LEU B 457 43.92 -0.98 -3.09
C LEU B 457 42.99 -1.01 -4.30
N LYS B 458 42.69 0.17 -4.83
CA LYS B 458 41.83 0.25 -6.00
C LYS B 458 42.58 -0.36 -7.17
N VAL B 459 41.95 -1.32 -7.85
CA VAL B 459 42.59 -1.97 -8.99
C VAL B 459 41.63 -2.14 -10.16
N GLY B 460 41.12 -1.02 -10.66
CA GLY B 460 40.19 -1.07 -11.76
C GLY B 460 38.79 -0.68 -11.31
N HIS B 461 37.89 -0.56 -12.28
CA HIS B 461 36.50 -0.17 -12.01
C HIS B 461 35.58 -0.76 -13.08
N TRP B 462 34.31 -0.39 -13.01
CA TRP B 462 33.32 -0.86 -13.96
C TRP B 462 32.41 0.28 -14.40
N ALA B 463 32.49 0.65 -15.68
CA ALA B 463 31.67 1.73 -16.23
C ALA B 463 30.44 1.16 -16.93
N GLU B 464 30.64 0.10 -17.69
CA GLU B 464 29.57 -0.56 -18.41
C GLU B 464 30.30 -1.74 -19.01
N THR B 465 31.61 -1.74 -18.73
CA THR B 465 32.55 -2.75 -19.17
C THR B 465 33.63 -2.76 -18.10
N LEU B 466 34.16 -3.95 -17.81
CA LEU B 466 35.19 -4.06 -16.79
C LEU B 466 36.46 -3.31 -17.17
N SER B 467 37.38 -3.25 -16.22
CA SER B 467 38.65 -2.57 -16.37
C SER B 467 39.39 -2.87 -15.08
N LEU B 468 40.71 -3.08 -15.17
CA LEU B 468 41.55 -3.37 -14.00
C LEU B 468 42.98 -3.69 -14.45
N ASP B 469 43.98 -3.08 -13.82
CA ASP B 469 45.36 -3.34 -14.22
C ASP B 469 45.98 -4.68 -13.78
N VAL B 470 45.11 -5.71 -13.73
CA VAL B 470 45.45 -7.09 -13.38
C VAL B 470 46.75 -7.33 -12.60
N ASP B 471 47.87 -7.02 -13.25
CA ASP B 471 49.20 -7.18 -12.64
C ASP B 471 49.34 -6.22 -11.45
N SER B 472 48.19 -5.87 -10.87
CA SER B 472 48.08 -4.98 -9.72
C SER B 472 47.59 -5.82 -8.53
N ILE B 473 46.88 -6.89 -8.87
CA ILE B 473 46.30 -7.80 -7.89
C ILE B 473 47.29 -8.75 -7.21
N HIS B 474 47.19 -8.81 -5.88
CA HIS B 474 48.00 -9.72 -5.06
C HIS B 474 47.02 -10.80 -4.65
N TRP B 475 47.17 -12.01 -5.16
CA TRP B 475 46.21 -13.04 -4.79
C TRP B 475 46.64 -13.83 -3.57
N SER B 476 45.76 -14.72 -3.12
CA SER B 476 46.06 -15.58 -1.97
C SER B 476 46.94 -16.67 -2.57
N ARG B 477 47.99 -17.06 -1.86
CA ARG B 477 48.93 -18.05 -2.38
C ARG B 477 49.64 -17.35 -3.54
N ASN B 478 49.71 -16.01 -3.42
CA ASN B 478 50.32 -15.09 -4.39
C ASN B 478 50.35 -15.62 -5.83
N SER B 479 49.20 -16.14 -6.26
CA SER B 479 49.07 -16.70 -7.60
C SER B 479 47.67 -16.46 -8.13
N VAL B 480 47.57 -16.02 -9.39
CA VAL B 480 46.27 -15.78 -10.01
C VAL B 480 45.49 -17.10 -9.90
N PRO B 481 44.48 -17.14 -9.02
CA PRO B 481 43.62 -18.31 -8.77
C PRO B 481 42.99 -18.93 -10.00
N THR B 482 42.34 -20.07 -9.78
CA THR B 482 41.66 -20.80 -10.84
C THR B 482 40.46 -21.55 -10.24
N SER B 483 39.28 -21.28 -10.79
CA SER B 483 38.07 -21.91 -10.28
C SER B 483 37.24 -22.49 -11.43
N GLN B 484 37.47 -23.78 -11.70
CA GLN B 484 36.75 -24.50 -12.76
C GLN B 484 36.24 -25.84 -12.24
#